data_7QBG
#
_entry.id   7QBG
#
_cell.length_a   105.339
_cell.length_b   116.418
_cell.length_c   125.498
_cell.angle_alpha   90.000
_cell.angle_beta   90.000
_cell.angle_gamma   90.000
#
_symmetry.space_group_name_H-M   'P 21 21 21'
#
loop_
_entity.id
_entity.type
_entity.pdbx_description
1 polymer Transcobalamin-2
2 polymer 'CD320 antigen'
3 polymer 'Anti-TC:CD320 nanobody TC-Nb4'
4 non-polymer CYANOCOBALAMIN
5 non-polymer GLYCEROL
6 non-polymer 'CALCIUM ION'
7 water water
#
loop_
_entity_poly.entity_id
_entity_poly.type
_entity_poly.pdbx_seq_one_letter_code
_entity_poly.pdbx_strand_id
1 'polypeptide(L)'
;EMCEIPEMDSHLVEKLGQHLLPWMDRLSLEHLNPSIYVGLRLSSLQAGTKEDLYLHSLKLGYQQCLLGSAFSEDDGDCQG
KPSMGQLALYLLALRANCEFVRGHKGDRLVSQLKWFLEDEKRAIGHDHKGHPHTSYYQYGLGILALCLHQKRVHDSVVDK
LLYAVEPFHQGHHSVDTAAMAGLAFTCLKRSNFNPGRRQRITMAIRTVQEEILKAQTPEGHFGNVYSTPLALQFLMTSPM
RGAELGTACLKARVALLASLQDGAFQNALMISQLLPVLNHKTYIDLIFPDCLAPRVMLEPAAETIPQTQEIISVTLQVLS
LLPPYRQSISVLAGSTVEDVLKKAHELGGFTYETQASLSGPYLTSVMGKAAGEREFWQLLRDPNTPLLQGIADYRPKDGE
TIELRLVSW
;
A,C
2 'polypeptide(L)'
;GSCPPTKFQCRTSGLCVPLTWRCDRDLDCSDGSDEEECRIEPCTQKGQCPPPPGLPCPCTGVSDCSGGTDKKLRNCSRLA
CLAGELRCTLSDDCIPLTWRCDGHPDCPDSSDELGCGTNEILPEGDATTMGPPVTLESVTSLRNATT
;
B,D
3 'polypeptide(L)'
;QRQLVESGGGLVQPGGSLRLSCAASGFTPGIYDIGWFRQAPGKEREGVSCISSRGSSTNYADSVKGRFIISRDNVKNTVY
LQMNSLEPEDTAVYYCAAIYQPSNGCVLRPEYSYWGKGTPVTVSSHHHHHHEPEA
;
E,G
#
# COMPACT_ATOMS: atom_id res chain seq x y z
N GLU A 1 4.79 -14.35 26.17
CA GLU A 1 3.82 -13.58 26.94
C GLU A 1 3.49 -12.24 26.23
N MET A 2 3.00 -11.24 26.98
CA MET A 2 2.30 -10.10 26.38
C MET A 2 2.53 -8.81 27.16
N CYS A 3 2.51 -7.67 26.44
CA CYS A 3 3.16 -6.42 26.84
C CYS A 3 2.25 -5.19 26.75
N GLU A 4 1.60 -4.81 27.84
CA GLU A 4 0.43 -3.93 27.78
C GLU A 4 0.60 -2.66 28.62
N ILE A 5 0.32 -1.50 28.03
CA ILE A 5 0.22 -0.23 28.79
C ILE A 5 -1.26 0.11 29.00
N PRO A 6 -1.85 -0.20 30.18
CA PRO A 6 -3.31 -0.06 30.33
C PRO A 6 -3.82 1.35 30.09
N GLU A 7 -5.15 1.41 30.04
CA GLU A 7 -5.84 2.65 29.64
C GLU A 7 -5.81 3.70 30.74
N MET A 8 -5.83 4.95 30.32
CA MET A 8 -5.64 6.05 31.26
C MET A 8 -6.63 7.16 30.97
N ASP A 9 -6.82 8.04 31.94
CA ASP A 9 -7.70 9.21 31.79
C ASP A 9 -7.04 10.19 30.82
N SER A 10 -7.83 11.08 30.24
CA SER A 10 -7.37 12.03 29.21
C SER A 10 -6.27 12.94 29.74
N HIS A 11 -6.30 13.35 30.99
CA HIS A 11 -5.39 14.41 31.51
C HIS A 11 -3.90 14.11 31.40
N LEU A 12 -3.44 12.91 31.67
CA LEU A 12 -1.97 12.72 31.58
C LEU A 12 -1.52 12.83 30.11
N VAL A 13 -2.30 12.31 29.17
CA VAL A 13 -1.99 12.49 27.75
C VAL A 13 -2.23 13.94 27.34
N GLU A 14 -3.27 14.55 27.90
CA GLU A 14 -3.57 15.95 27.64
C GLU A 14 -2.36 16.84 27.91
N LYS A 15 -1.87 16.86 29.15
CA LYS A 15 -0.78 17.79 29.46
C LYS A 15 0.52 17.35 28.79
N LEU A 16 0.67 16.05 28.53
CA LEU A 16 1.81 15.60 27.76
C LEU A 16 1.77 16.19 26.36
N GLY A 17 0.58 16.39 25.81
CA GLY A 17 0.47 17.02 24.51
C GLY A 17 0.58 18.53 24.56
N GLN A 18 0.19 19.16 25.67
CA GLN A 18 0.34 20.61 25.79
C GLN A 18 1.80 21.02 25.69
N HIS A 19 2.73 20.12 26.00
CA HIS A 19 4.12 20.40 25.70
C HIS A 19 4.47 20.24 24.22
N LEU A 20 3.61 19.60 23.41
CA LEU A 20 3.86 19.57 21.98
C LEU A 20 3.30 20.77 21.24
N LEU A 21 2.19 21.34 21.72
CA LEU A 21 1.43 22.30 20.90
C LEU A 21 2.19 23.56 20.48
N PRO A 22 3.13 24.12 21.27
CA PRO A 22 3.81 25.34 20.80
C PRO A 22 4.70 25.10 19.59
N TRP A 23 5.26 23.92 19.45
CA TRP A 23 6.07 23.61 18.28
C TRP A 23 5.26 23.62 16.99
N MET A 24 3.96 23.35 17.07
CA MET A 24 3.15 23.31 15.85
C MET A 24 3.14 24.65 15.11
N ASP A 25 3.64 25.72 15.71
CA ASP A 25 3.62 27.07 15.13
C ASP A 25 5.02 27.58 14.82
N ARG A 26 5.99 26.68 14.76
CA ARG A 26 7.41 26.98 14.55
C ARG A 26 7.83 26.23 13.29
N LEU A 27 7.57 26.84 12.13
CA LEU A 27 7.76 26.21 10.82
C LEU A 27 9.07 26.60 10.13
N SER A 28 10.03 27.19 10.85
CA SER A 28 11.33 27.41 10.24
C SER A 28 12.03 26.07 10.06
N LEU A 29 12.68 25.90 8.92
CA LEU A 29 13.41 24.66 8.68
C LEU A 29 14.31 24.30 9.87
N GLU A 30 14.92 25.30 10.52
CA GLU A 30 15.68 25.07 11.76
C GLU A 30 14.93 24.25 12.81
N HIS A 31 13.59 24.36 12.86
CA HIS A 31 12.82 23.70 13.91
C HIS A 31 11.87 22.60 13.44
N LEU A 32 11.54 22.53 12.15
CA LEU A 32 10.57 21.55 11.68
C LEU A 32 10.99 20.15 12.09
N ASN A 33 10.08 19.43 12.73
CA ASN A 33 10.38 18.15 13.36
C ASN A 33 9.41 17.07 12.89
N PRO A 34 9.78 16.27 11.88
CA PRO A 34 8.87 15.22 11.41
C PRO A 34 8.49 14.22 12.49
N SER A 35 9.39 13.91 13.42
CA SER A 35 9.07 12.99 14.50
C SER A 35 7.86 13.45 15.27
N ILE A 36 7.72 14.78 15.42
CA ILE A 36 6.58 15.33 16.13
C ILE A 36 5.29 15.04 15.37
N TYR A 37 5.25 15.38 14.07
CA TYR A 37 4.08 15.11 13.24
C TYR A 37 3.68 13.64 13.27
N VAL A 38 4.64 12.73 13.25
CA VAL A 38 4.31 11.31 13.29
C VAL A 38 3.64 10.95 14.60
N GLY A 39 4.20 11.39 15.73
CA GLY A 39 3.70 10.98 17.03
C GLY A 39 2.34 11.57 17.33
N LEU A 40 2.06 12.75 16.79
CA LEU A 40 0.72 13.28 16.97
C LEU A 40 -0.29 12.39 16.27
N ARG A 41 -0.05 12.12 14.97
CA ARG A 41 -0.97 11.32 14.16
C ARG A 41 -1.17 9.93 14.75
N LEU A 42 -0.10 9.31 15.26
CA LEU A 42 -0.17 8.01 15.95
C LEU A 42 -0.73 8.10 17.38
N SER A 43 -1.24 9.24 17.84
CA SER A 43 -1.59 9.44 19.24
C SER A 43 -3.10 9.49 19.42
N SER A 44 -3.51 9.62 20.68
CA SER A 44 -4.89 9.95 20.97
C SER A 44 -5.20 11.41 20.73
N LEU A 45 -4.21 12.27 20.49
CA LEU A 45 -4.44 13.70 20.41
C LEU A 45 -4.26 14.21 19.00
N GLN A 46 -4.63 15.47 18.84
CA GLN A 46 -4.52 16.14 17.53
C GLN A 46 -4.40 17.65 17.71
N ALA A 47 -3.96 18.35 16.69
CA ALA A 47 -3.92 19.81 16.74
C ALA A 47 -4.77 20.42 15.64
N GLY A 48 -5.51 19.59 14.89
CA GLY A 48 -6.54 20.12 14.01
C GLY A 48 -5.91 20.72 12.78
N THR A 49 -6.43 21.88 12.36
CA THR A 49 -5.97 22.51 11.14
C THR A 49 -4.48 22.80 11.17
N LYS A 50 -3.86 22.87 12.34
CA LYS A 50 -2.42 23.11 12.37
C LYS A 50 -1.65 21.97 11.73
N GLU A 51 -2.17 20.73 11.83
CA GLU A 51 -1.43 19.57 11.35
C GLU A 51 -1.21 19.64 9.87
N ASP A 52 -2.17 20.19 9.13
CA ASP A 52 -1.98 20.28 7.69
C ASP A 52 -0.95 21.35 7.34
N LEU A 53 -1.00 22.52 8.00
CA LEU A 53 0.09 23.47 7.81
C LEU A 53 1.43 22.84 8.18
N TYR A 54 1.48 22.11 9.30
CA TYR A 54 2.75 21.53 9.73
C TYR A 54 3.29 20.57 8.70
N LEU A 55 2.41 19.71 8.16
CA LEU A 55 2.85 18.79 7.10
C LEU A 55 3.32 19.57 5.89
N HIS A 56 2.52 20.54 5.44
CA HIS A 56 2.88 21.32 4.27
C HIS A 56 4.27 21.93 4.41
N SER A 57 4.58 22.50 5.58
CA SER A 57 5.91 23.06 5.83
C SER A 57 7.01 22.02 5.64
N LEU A 58 6.78 20.81 6.10
CA LEU A 58 7.76 19.75 5.89
C LEU A 58 7.91 19.46 4.40
N LYS A 59 6.81 19.10 3.72
CA LYS A 59 6.83 18.86 2.27
C LYS A 59 7.46 20.03 1.51
N LEU A 60 7.37 21.24 2.07
CA LEU A 60 8.04 22.38 1.47
C LEU A 60 9.55 22.35 1.73
N GLY A 61 9.94 22.42 3.00
CA GLY A 61 11.35 22.51 3.31
C GLY A 61 12.12 21.30 2.83
N TYR A 62 11.63 20.11 3.16
CA TYR A 62 12.40 18.91 2.83
C TYR A 62 12.52 18.74 1.31
N GLN A 63 11.43 18.93 0.56
CA GLN A 63 11.52 18.71 -0.88
C GLN A 63 12.36 19.79 -1.57
N GLN A 64 12.25 21.03 -1.12
CA GLN A 64 13.00 22.12 -1.76
C GLN A 64 14.50 22.08 -1.44
N CYS A 65 14.88 21.64 -0.25
CA CYS A 65 16.29 21.71 0.13
C CYS A 65 17.09 20.53 -0.39
N LEU A 66 16.39 19.46 -0.77
CA LEU A 66 17.08 18.23 -1.17
C LEU A 66 16.92 18.01 -2.68
N LEU A 67 15.97 18.67 -3.33
CA LEU A 67 15.70 18.39 -4.76
C LEU A 67 15.98 19.63 -5.60
N GLY A 68 16.28 20.75 -4.96
CA GLY A 68 16.50 21.99 -5.73
C GLY A 68 17.96 22.26 -5.97
N CYS A 78 20.08 26.02 -0.19
CA CYS A 78 19.33 26.12 1.09
C CYS A 78 20.30 26.56 2.19
N GLN A 79 20.02 26.19 3.44
CA GLN A 79 20.87 26.71 4.54
C GLN A 79 21.64 25.56 5.16
N GLY A 80 21.56 24.39 4.54
CA GLY A 80 22.26 23.20 5.07
C GLY A 80 21.21 22.20 5.45
N LYS A 81 21.43 20.91 5.18
CA LYS A 81 20.41 19.94 5.65
C LYS A 81 19.12 20.23 4.90
N PRO A 82 18.04 19.44 5.03
CA PRO A 82 17.90 18.47 6.11
C PRO A 82 18.86 17.29 6.03
N SER A 83 18.94 16.49 7.10
CA SER A 83 19.82 15.30 7.15
C SER A 83 19.17 14.11 6.47
N MET A 84 19.96 13.10 6.12
CA MET A 84 19.34 11.91 5.53
C MET A 84 18.46 11.22 6.56
N GLY A 85 18.93 11.12 7.80
CA GLY A 85 18.10 10.55 8.85
C GLY A 85 16.82 11.32 9.05
N GLN A 86 16.90 12.64 8.94
CA GLN A 86 15.67 13.39 9.04
C GLN A 86 14.79 13.12 7.84
N LEU A 87 15.39 12.83 6.69
CA LEU A 87 14.58 12.45 5.54
C LEU A 87 13.80 11.17 5.84
N ALA A 88 14.43 10.20 6.52
CA ALA A 88 13.71 8.99 6.89
C ALA A 88 12.47 9.32 7.73
N LEU A 89 12.61 10.20 8.72
CA LEU A 89 11.45 10.61 9.51
C LEU A 89 10.42 11.33 8.66
N TYR A 90 10.87 12.07 7.64
CA TYR A 90 9.89 12.72 6.78
C TYR A 90 9.02 11.69 6.06
N LEU A 91 9.64 10.56 5.66
CA LEU A 91 8.86 9.49 5.03
C LEU A 91 7.81 8.97 5.99
N LEU A 92 8.22 8.63 7.22
CA LEU A 92 7.26 8.23 8.24
C LEU A 92 6.12 9.24 8.35
N ALA A 93 6.42 10.53 8.26
CA ALA A 93 5.31 11.47 8.32
C ALA A 93 4.39 11.28 7.12
N LEU A 94 4.94 10.92 5.97
CA LEU A 94 4.06 10.68 4.83
C LEU A 94 3.10 9.53 5.13
N ARG A 95 3.61 8.39 5.58
CA ARG A 95 2.74 7.30 6.01
C ARG A 95 1.73 7.80 7.05
N ALA A 96 2.18 8.61 8.01
CA ALA A 96 1.32 9.09 9.07
C ALA A 96 0.12 9.85 8.54
N ASN A 97 0.20 10.33 7.30
CA ASN A 97 -0.93 10.97 6.63
C ASN A 97 -1.58 10.04 5.61
N CYS A 98 -1.29 8.75 5.65
CA CYS A 98 -1.81 7.78 4.68
C CYS A 98 -1.42 8.17 3.24
N GLU A 99 -0.12 8.37 3.03
CA GLU A 99 0.45 8.60 1.71
C GLU A 99 1.62 7.65 1.51
N PHE A 100 1.85 7.28 0.26
CA PHE A 100 3.08 6.62 -0.16
C PHE A 100 3.95 7.66 -0.83
N VAL A 101 5.25 7.63 -0.56
CA VAL A 101 6.11 8.56 -1.28
C VAL A 101 5.86 8.29 -2.74
N ARG A 102 5.70 9.35 -3.51
CA ARG A 102 5.17 9.09 -4.84
C ARG A 102 5.50 10.24 -5.78
N GLY A 103 5.62 9.91 -7.06
CA GLY A 103 5.81 10.93 -8.06
C GLY A 103 7.26 11.15 -8.38
N HIS A 104 7.52 12.23 -9.13
CA HIS A 104 8.89 12.48 -9.55
C HIS A 104 9.73 12.97 -8.39
N LYS A 105 9.24 13.98 -7.66
CA LYS A 105 9.93 14.39 -6.45
C LYS A 105 10.03 13.24 -5.46
N GLY A 106 8.95 12.49 -5.31
CA GLY A 106 8.98 11.36 -4.39
C GLY A 106 10.03 10.33 -4.76
N ASP A 107 10.06 9.92 -6.03
CA ASP A 107 11.00 8.87 -6.44
C ASP A 107 12.44 9.29 -6.16
N ARG A 108 12.76 10.56 -6.40
CA ARG A 108 14.12 11.04 -6.19
C ARG A 108 14.50 11.00 -4.72
N LEU A 109 13.60 11.45 -3.84
CA LEU A 109 13.88 11.36 -2.41
C LEU A 109 14.29 9.96 -2.00
N VAL A 110 13.56 8.95 -2.46
CA VAL A 110 13.82 7.58 -2.04
C VAL A 110 15.20 7.14 -2.49
N SER A 111 15.56 7.45 -3.73
CA SER A 111 16.88 7.10 -4.24
C SER A 111 17.99 7.76 -3.40
N GLN A 112 17.80 9.03 -3.04
CA GLN A 112 18.70 9.70 -2.11
C GLN A 112 18.89 8.88 -0.83
N LEU A 113 17.78 8.55 -0.18
CA LEU A 113 17.87 7.80 1.07
C LEU A 113 18.47 6.43 0.84
N LYS A 114 18.33 5.87 -0.37
CA LYS A 114 19.02 4.62 -0.66
C LYS A 114 20.53 4.85 -0.75
N TRP A 115 20.92 5.94 -1.41
CA TRP A 115 22.34 6.29 -1.47
C TRP A 115 22.93 6.44 -0.08
N PHE A 116 22.20 7.07 0.84
CA PHE A 116 22.69 7.11 2.21
C PHE A 116 23.01 5.71 2.71
N LEU A 117 21.99 4.84 2.71
CA LEU A 117 22.19 3.46 3.11
C LEU A 117 23.36 2.82 2.36
N GLU A 118 23.64 3.27 1.14
CA GLU A 118 24.74 2.66 0.38
C GLU A 118 26.10 3.22 0.84
N ASP A 119 26.26 4.55 0.88
CA ASP A 119 27.46 5.16 1.43
C ASP A 119 27.83 4.56 2.79
N GLU A 120 26.89 4.58 3.73
CA GLU A 120 27.13 3.98 5.03
C GLU A 120 27.61 2.53 4.91
N LYS A 121 27.07 1.77 3.94
CA LYS A 121 27.48 0.37 3.84
C LYS A 121 28.92 0.26 3.39
N ARG A 122 29.32 1.13 2.47
CA ARG A 122 30.71 1.16 2.02
C ARG A 122 31.63 1.47 3.20
N ALA A 123 31.35 2.56 3.92
CA ALA A 123 32.22 2.95 5.03
C ALA A 123 32.40 1.83 6.05
N ILE A 124 31.38 1.00 6.26
CA ILE A 124 31.51 -0.05 7.26
C ILE A 124 32.57 -1.06 6.84
N GLY A 125 32.55 -1.49 5.58
CA GLY A 125 33.58 -2.34 4.99
C GLY A 125 33.98 -3.61 5.72
N GLY A 130 35.46 -0.83 11.00
CA GLY A 130 34.72 0.36 10.62
C GLY A 130 33.41 0.65 11.35
N HIS A 131 33.03 1.91 11.29
CA HIS A 131 31.80 2.43 11.84
C HIS A 131 31.05 3.11 10.71
N PRO A 132 29.76 3.37 10.89
CA PRO A 132 29.07 4.29 9.97
C PRO A 132 29.38 5.74 10.35
N HIS A 133 29.20 6.64 9.38
CA HIS A 133 29.48 8.04 9.65
C HIS A 133 28.46 8.63 10.59
N THR A 134 27.23 8.17 10.51
CA THR A 134 26.22 8.65 11.44
C THR A 134 26.07 7.65 12.58
N SER A 135 25.05 6.79 12.56
CA SER A 135 24.88 5.82 13.63
C SER A 135 24.12 4.60 13.13
N TYR A 136 24.27 3.48 13.82
CA TYR A 136 23.44 2.34 13.51
C TYR A 136 21.97 2.66 13.73
N TYR A 137 21.66 3.59 14.64
CA TYR A 137 20.28 4.06 14.77
C TYR A 137 19.80 4.68 13.46
N GLN A 138 20.51 5.69 12.97
CA GLN A 138 20.10 6.31 11.71
C GLN A 138 20.08 5.29 10.57
N TYR A 139 20.93 4.26 10.67
CA TYR A 139 20.99 3.27 9.60
C TYR A 139 19.70 2.44 9.57
N GLY A 140 19.30 1.88 10.71
CA GLY A 140 18.04 1.14 10.76
C GLY A 140 16.82 2.02 10.62
N LEU A 141 16.90 3.27 11.05
CA LEU A 141 15.80 4.19 10.81
C LEU A 141 15.58 4.37 9.31
N GLY A 142 16.67 4.42 8.53
CA GLY A 142 16.54 4.58 7.10
C GLY A 142 15.93 3.35 6.42
N ILE A 143 16.40 2.17 6.80
CA ILE A 143 15.85 0.93 6.27
C ILE A 143 14.36 0.85 6.56
N LEU A 144 13.96 1.27 7.77
CA LEU A 144 12.56 1.12 8.22
C LEU A 144 11.62 2.08 7.49
N ALA A 145 12.08 3.30 7.18
CA ALA A 145 11.26 4.21 6.40
C ALA A 145 11.02 3.64 5.01
N LEU A 146 12.10 3.22 4.35
CA LEU A 146 11.98 2.59 3.04
C LEU A 146 11.01 1.42 3.08
N CYS A 147 11.21 0.49 4.03
CA CYS A 147 10.32 -0.65 4.16
C CYS A 147 8.88 -0.22 4.42
N LEU A 148 8.67 0.95 5.02
CA LEU A 148 7.30 1.37 5.27
C LEU A 148 6.61 1.85 3.99
N HIS A 149 7.37 2.35 3.03
CA HIS A 149 6.78 2.63 1.72
C HIS A 149 7.01 1.47 0.75
N GLN A 150 7.23 0.26 1.27
CA GLN A 150 7.37 -0.97 0.45
C GLN A 150 8.44 -0.83 -0.64
N LYS A 151 9.40 0.06 -0.42
CA LYS A 151 10.63 0.11 -1.20
C LYS A 151 11.64 -0.86 -0.59
N ARG A 152 12.35 -1.57 -1.44
CA ARG A 152 13.26 -2.62 -1.02
C ARG A 152 14.70 -2.12 -1.02
N VAL A 153 15.52 -2.71 -0.14
CA VAL A 153 16.95 -2.39 -0.07
C VAL A 153 17.65 -3.72 -0.27
N HIS A 154 18.86 -3.68 -0.82
CA HIS A 154 19.54 -4.94 -1.15
C HIS A 154 19.85 -5.76 0.09
N ASP A 155 19.96 -7.08 -0.09
CA ASP A 155 20.31 -7.93 1.04
C ASP A 155 21.59 -7.45 1.73
N SER A 156 22.60 -7.04 0.92
CA SER A 156 23.86 -6.53 1.46
C SER A 156 23.67 -5.32 2.39
N VAL A 157 22.67 -4.48 2.12
CA VAL A 157 22.36 -3.36 3.00
C VAL A 157 21.85 -3.87 4.35
N VAL A 158 20.89 -4.80 4.31
CA VAL A 158 20.37 -5.36 5.55
C VAL A 158 21.48 -6.00 6.36
N ASP A 159 22.50 -6.53 5.68
CA ASP A 159 23.53 -7.32 6.36
C ASP A 159 24.30 -6.50 7.37
N LYS A 160 24.60 -5.24 7.04
CA LYS A 160 25.30 -4.37 7.99
C LYS A 160 24.55 -4.28 9.32
N LEU A 161 23.27 -3.90 9.27
CA LEU A 161 22.41 -3.99 10.45
C LEU A 161 22.47 -5.38 11.09
N LEU A 162 22.25 -6.44 10.31
CA LEU A 162 22.19 -7.78 10.89
C LEU A 162 23.39 -8.06 11.77
N TYR A 163 24.59 -7.77 11.28
CA TYR A 163 25.81 -8.11 12.03
C TYR A 163 25.91 -7.27 13.30
N ALA A 164 25.49 -6.00 13.25
CA ALA A 164 25.60 -5.11 14.40
C ALA A 164 24.85 -5.58 15.64
N VAL A 165 24.14 -6.71 15.60
CA VAL A 165 23.53 -7.27 16.79
C VAL A 165 23.88 -8.76 16.86
N GLY A 171 30.94 -4.40 18.89
CA GLY A 171 30.75 -3.37 19.91
C GLY A 171 29.41 -3.44 20.63
N HIS A 172 29.22 -2.55 21.61
CA HIS A 172 28.03 -2.53 22.45
C HIS A 172 27.11 -1.36 22.09
N HIS A 173 25.79 -1.57 22.24
CA HIS A 173 24.75 -0.69 21.72
C HIS A 173 23.75 -0.32 22.81
N SER A 174 23.19 0.88 22.69
CA SER A 174 22.18 1.31 23.65
C SER A 174 20.85 0.59 23.37
N VAL A 175 19.89 0.75 24.28
CA VAL A 175 18.56 0.13 24.08
C VAL A 175 17.85 0.77 22.89
N ASP A 176 17.96 2.09 22.72
CA ASP A 176 17.38 2.73 21.56
C ASP A 176 17.92 2.13 20.27
N THR A 177 19.24 1.93 20.17
CA THR A 177 19.79 1.41 18.93
C THR A 177 19.22 0.04 18.62
N ALA A 178 19.34 -0.90 19.55
CA ALA A 178 18.69 -2.20 19.34
C ALA A 178 17.19 -2.02 19.02
N ALA A 179 16.49 -1.19 19.80
CA ALA A 179 15.05 -1.00 19.57
C ALA A 179 14.75 -0.58 18.14
N MET A 180 15.54 0.35 17.59
CA MET A 180 15.26 0.81 16.23
C MET A 180 15.65 -0.25 15.20
N ALA A 181 16.78 -0.92 15.41
CA ALA A 181 17.09 -2.10 14.62
C ALA A 181 15.90 -3.06 14.62
N GLY A 182 15.39 -3.37 15.81
CA GLY A 182 14.26 -4.28 15.90
C GLY A 182 13.10 -3.82 15.04
N LEU A 183 12.80 -2.52 15.08
CA LEU A 183 11.70 -2.04 14.26
C LEU A 183 11.99 -2.24 12.78
N ALA A 184 13.23 -1.97 12.35
CA ALA A 184 13.59 -2.19 10.94
C ALA A 184 13.40 -3.65 10.57
N PHE A 185 13.84 -4.58 11.42
CA PHE A 185 13.71 -5.99 11.05
C PHE A 185 12.25 -6.46 11.09
N THR A 186 11.49 -6.01 12.08
CA THR A 186 10.07 -6.39 12.14
C THR A 186 9.35 -5.99 10.85
N CYS A 187 9.68 -4.83 10.30
CA CYS A 187 9.06 -4.43 9.06
C CYS A 187 9.49 -5.34 7.92
N LEU A 188 10.78 -5.68 7.87
CA LEU A 188 11.24 -6.57 6.81
C LEU A 188 10.48 -7.89 6.87
N LYS A 189 10.35 -8.48 8.06
CA LYS A 189 9.64 -9.74 8.19
C LYS A 189 8.18 -9.59 7.76
N ARG A 190 7.42 -8.77 8.48
CA ARG A 190 6.01 -8.56 8.15
C ARG A 190 5.78 -8.24 6.68
N SER A 191 6.71 -7.55 6.01
CA SER A 191 6.58 -7.24 4.59
C SER A 191 7.12 -8.36 3.68
N ASN A 192 7.65 -9.44 4.25
CA ASN A 192 8.35 -10.48 3.49
C ASN A 192 9.46 -9.89 2.61
N PHE A 193 10.07 -8.81 3.05
CA PHE A 193 11.16 -8.26 2.26
C PHE A 193 12.44 -8.99 2.59
N ASN A 194 13.40 -8.84 1.69
CA ASN A 194 14.71 -9.49 1.80
C ASN A 194 14.54 -10.96 2.21
N PRO A 195 13.76 -11.76 1.45
CA PRO A 195 13.56 -13.15 1.87
C PRO A 195 14.83 -13.97 1.82
N GLY A 196 15.86 -13.50 1.10
CA GLY A 196 17.20 -14.07 1.18
C GLY A 196 17.77 -14.18 2.60
N ARG A 197 17.30 -13.36 3.54
CA ARG A 197 17.85 -13.41 4.90
C ARG A 197 16.80 -13.78 5.94
N ARG A 198 15.59 -14.14 5.48
CA ARG A 198 14.45 -14.37 6.38
C ARG A 198 14.85 -15.01 7.71
N GLN A 199 15.58 -16.11 7.65
CA GLN A 199 15.91 -16.78 8.92
C GLN A 199 16.78 -15.89 9.79
N ARG A 200 17.60 -15.03 9.18
CA ARG A 200 18.50 -14.19 9.96
C ARG A 200 17.81 -12.96 10.52
N ILE A 201 16.85 -12.35 9.80
CA ILE A 201 16.02 -11.32 10.45
C ILE A 201 15.33 -11.87 11.71
N THR A 202 14.83 -13.11 11.69
CA THR A 202 14.12 -13.50 12.90
C THR A 202 15.06 -13.85 14.04
N MET A 203 16.27 -14.34 13.77
CA MET A 203 17.26 -14.42 14.84
C MET A 203 17.56 -13.03 15.37
N ALA A 204 17.76 -12.07 14.47
CA ALA A 204 18.07 -10.71 14.91
C ALA A 204 16.92 -10.16 15.74
N ILE A 205 15.67 -10.35 15.30
CA ILE A 205 14.53 -9.89 16.09
C ILE A 205 14.54 -10.54 17.45
N ARG A 206 14.70 -11.86 17.48
CA ARG A 206 14.80 -12.56 18.74
C ARG A 206 15.89 -11.94 19.63
N THR A 207 17.12 -11.82 19.10
CA THR A 207 18.20 -11.39 19.96
C THR A 207 18.06 -9.93 20.35
N VAL A 208 17.46 -9.10 19.49
CA VAL A 208 17.16 -7.73 19.90
C VAL A 208 16.24 -7.73 21.12
N GLN A 209 15.26 -8.63 21.15
CA GLN A 209 14.39 -8.74 22.31
C GLN A 209 15.18 -9.12 23.55
N GLU A 210 16.03 -10.15 23.44
CA GLU A 210 16.74 -10.64 24.62
C GLU A 210 17.68 -9.58 25.17
N GLU A 211 18.21 -8.73 24.30
CA GLU A 211 19.13 -7.66 24.75
C GLU A 211 18.38 -6.56 25.53
N ILE A 212 17.20 -6.15 25.07
CA ILE A 212 16.42 -5.06 25.72
C ILE A 212 16.03 -5.47 27.14
N LEU A 213 15.63 -6.72 27.33
CA LEU A 213 15.22 -7.22 28.65
C LEU A 213 16.41 -7.20 29.63
N LYS A 214 17.60 -7.54 29.15
CA LYS A 214 18.83 -7.52 29.99
C LYS A 214 19.07 -6.10 30.45
N ALA A 215 18.78 -5.13 29.62
CA ALA A 215 19.09 -3.76 29.99
C ALA A 215 18.03 -3.21 30.94
N GLN A 216 17.15 -4.03 31.48
CA GLN A 216 16.17 -3.43 32.41
C GLN A 216 16.87 -3.00 33.70
N THR A 217 16.64 -1.76 34.12
CA THR A 217 17.22 -1.22 35.37
C THR A 217 16.38 -1.70 36.54
N PRO A 218 16.91 -1.76 37.77
CA PRO A 218 16.04 -2.10 38.91
C PRO A 218 14.79 -1.25 39.03
N GLU A 219 14.86 0.05 38.73
CA GLU A 219 13.65 0.86 38.79
C GLU A 219 12.57 0.40 37.81
N GLY A 220 12.92 -0.41 36.81
CA GLY A 220 11.95 -0.91 35.85
C GLY A 220 12.08 -0.41 34.43
N HIS A 221 13.06 0.44 34.16
CA HIS A 221 13.23 1.05 32.82
C HIS A 221 14.14 0.18 31.95
N PHE A 222 13.99 0.24 30.64
CA PHE A 222 14.89 -0.51 29.72
C PHE A 222 16.13 0.32 29.48
N GLY A 223 16.94 0.53 30.50
CA GLY A 223 18.24 1.19 30.47
C GLY A 223 18.17 2.68 30.71
N ASN A 224 17.03 3.30 30.43
CA ASN A 224 16.79 4.73 30.72
C ASN A 224 15.28 4.93 30.59
N VAL A 225 14.73 5.98 31.17
CA VAL A 225 13.30 6.32 31.00
C VAL A 225 13.07 6.64 29.53
N TYR A 226 13.97 7.38 28.91
CA TYR A 226 13.89 7.79 27.48
C TYR A 226 14.01 6.59 26.54
N SER A 227 14.83 5.61 26.87
CA SER A 227 14.90 4.36 26.08
C SER A 227 13.56 3.60 26.10
N THR A 228 12.86 3.56 27.24
CA THR A 228 11.59 2.79 27.43
C THR A 228 10.53 3.03 26.35
N PRO A 229 10.17 4.25 25.87
CA PRO A 229 9.17 4.37 24.80
C PRO A 229 9.49 3.51 23.59
N LEU A 230 10.68 3.68 23.03
CA LEU A 230 11.07 2.92 21.86
C LEU A 230 11.18 1.45 22.18
N ALA A 231 11.75 1.12 23.34
CA ALA A 231 11.82 -0.29 23.69
C ALA A 231 10.42 -0.90 23.74
N LEU A 232 9.44 -0.14 24.25
CA LEU A 232 8.07 -0.63 24.30
C LEU A 232 7.46 -0.76 22.90
N GLN A 233 7.63 0.24 22.03
CA GLN A 233 7.19 0.11 20.64
C GLN A 233 7.70 -1.18 20.02
N PHE A 234 9.02 -1.45 20.12
CA PHE A 234 9.52 -2.69 19.54
C PHE A 234 8.98 -3.92 20.26
N LEU A 235 8.92 -3.89 21.59
CA LEU A 235 8.37 -5.02 22.34
C LEU A 235 6.91 -5.24 22.01
N MET A 236 6.18 -4.16 21.75
CA MET A 236 4.76 -4.28 21.48
C MET A 236 4.47 -5.06 20.22
N THR A 237 5.43 -5.24 19.31
CA THR A 237 5.13 -5.82 18.01
C THR A 237 5.32 -7.32 17.92
N SER A 238 6.07 -7.93 18.82
CA SER A 238 6.49 -9.32 18.66
C SER A 238 6.23 -10.18 19.89
N PRO A 239 5.22 -11.07 19.88
CA PRO A 239 4.98 -11.95 21.05
C PRO A 239 6.11 -12.96 21.28
N GLU A 244 10.11 -10.95 32.51
CA GLU A 244 9.98 -11.88 31.36
C GLU A 244 8.78 -11.44 30.57
N LEU A 245 9.01 -10.71 29.46
CA LEU A 245 7.84 -10.37 28.61
C LEU A 245 6.90 -9.58 29.50
N GLY A 246 5.72 -10.10 29.77
CA GLY A 246 4.74 -9.29 30.50
C GLY A 246 5.21 -8.83 31.86
N THR A 247 5.90 -9.65 32.66
CA THR A 247 6.33 -9.12 33.98
C THR A 247 7.27 -7.93 33.76
N ALA A 248 8.17 -8.02 32.78
CA ALA A 248 9.06 -6.89 32.45
C ALA A 248 8.24 -5.70 31.98
N CYS A 249 7.20 -5.97 31.21
CA CYS A 249 6.38 -4.87 30.64
C CYS A 249 5.51 -4.27 31.74
N LEU A 250 5.11 -5.04 32.76
CA LEU A 250 4.46 -4.36 33.86
C LEU A 250 5.46 -3.53 34.65
N LYS A 251 6.64 -4.11 34.89
CA LYS A 251 7.70 -3.36 35.52
C LYS A 251 7.98 -2.08 34.73
N ALA A 252 7.99 -2.18 33.40
CA ALA A 252 8.14 -1.01 32.55
C ALA A 252 7.02 0.01 32.79
N ARG A 253 5.75 -0.42 32.87
CA ARG A 253 4.68 0.58 32.92
C ARG A 253 4.69 1.34 34.24
N VAL A 254 4.88 0.65 35.37
CA VAL A 254 5.03 1.37 36.63
C VAL A 254 6.12 2.41 36.51
N ALA A 255 7.32 1.94 36.19
CA ALA A 255 8.46 2.78 35.87
C ALA A 255 8.07 3.99 35.04
N LEU A 256 7.57 3.74 33.84
CA LEU A 256 7.16 4.84 32.98
C LEU A 256 6.18 5.77 33.71
N LEU A 257 5.13 5.20 34.33
CA LEU A 257 4.07 6.02 34.92
C LEU A 257 4.57 6.90 36.06
N ALA A 258 5.45 6.36 36.93
CA ALA A 258 6.06 7.17 37.98
C ALA A 258 6.77 8.37 37.39
N SER A 259 7.56 8.14 36.33
CA SER A 259 8.35 9.22 35.77
C SER A 259 7.51 10.26 35.05
N LEU A 260 6.34 9.87 34.52
CA LEU A 260 5.42 10.90 34.02
C LEU A 260 4.87 11.74 35.15
N GLN A 261 4.54 11.14 36.29
CA GLN A 261 4.09 11.97 37.41
C GLN A 261 5.21 12.86 37.90
N ASP A 262 6.44 12.34 37.95
CA ASP A 262 7.58 13.20 38.24
C ASP A 262 7.82 14.21 37.13
N GLY A 263 7.07 14.12 36.02
CA GLY A 263 7.22 15.02 34.89
C GLY A 263 8.52 14.90 34.11
N ALA A 264 9.01 13.67 33.90
CA ALA A 264 10.28 13.49 33.22
C ALA A 264 10.22 13.84 31.73
N PHE A 265 9.04 13.85 31.11
CA PHE A 265 8.99 14.03 29.65
C PHE A 265 8.69 15.50 29.32
N GLN A 266 9.74 16.27 29.04
CA GLN A 266 9.62 17.66 28.59
C GLN A 266 10.10 17.88 27.17
N ASN A 267 10.93 16.98 26.66
CA ASN A 267 11.51 17.08 25.33
C ASN A 267 10.50 16.70 24.26
N ALA A 268 10.36 17.55 23.22
CA ALA A 268 9.32 17.29 22.24
C ALA A 268 9.51 15.94 21.57
N LEU A 269 10.72 15.67 21.09
CA LEU A 269 11.02 14.40 20.43
C LEU A 269 10.69 13.21 21.31
N MET A 270 11.12 13.26 22.57
CA MET A 270 10.76 12.22 23.54
C MET A 270 9.24 12.11 23.69
N ILE A 271 8.56 13.24 23.80
CA ILE A 271 7.11 13.17 23.92
C ILE A 271 6.55 12.51 22.68
N SER A 272 7.16 12.80 21.52
CA SER A 272 6.64 12.29 20.26
C SER A 272 6.91 10.79 20.09
N GLN A 273 7.92 10.25 20.75
CA GLN A 273 8.14 8.80 20.72
C GLN A 273 7.31 8.08 21.76
N LEU A 274 6.82 8.80 22.77
CA LEU A 274 6.04 8.16 23.82
C LEU A 274 4.55 8.18 23.53
N LEU A 275 4.02 9.22 22.91
CA LEU A 275 2.57 9.25 22.67
C LEU A 275 2.07 8.00 21.92
N PRO A 276 2.71 7.55 20.81
CA PRO A 276 2.25 6.32 20.17
C PRO A 276 2.07 5.17 21.12
N VAL A 277 3.00 4.96 22.04
CA VAL A 277 2.83 3.87 23.00
C VAL A 277 1.58 4.09 23.83
N LEU A 278 1.35 5.32 24.30
CA LEU A 278 0.17 5.57 25.13
C LEU A 278 -1.12 5.31 24.40
N ASN A 279 -1.08 5.35 23.07
CA ASN A 279 -2.22 5.11 22.21
C ASN A 279 -2.19 3.73 21.60
N HIS A 280 -1.29 2.86 22.10
CA HIS A 280 -1.18 1.46 21.68
C HIS A 280 -0.66 1.30 20.25
N LYS A 281 0.14 2.25 19.78
CA LYS A 281 0.67 2.13 18.42
C LYS A 281 2.20 2.14 18.44
N THR A 282 2.79 1.64 17.35
CA THR A 282 4.22 1.75 17.09
C THR A 282 4.43 2.30 15.69
N TYR A 283 5.70 2.55 15.34
CA TYR A 283 6.02 2.94 13.96
C TYR A 283 5.58 1.88 12.95
N ILE A 284 5.62 0.61 13.32
CA ILE A 284 5.18 -0.45 12.43
C ILE A 284 3.71 -0.36 12.06
N ASP A 285 2.88 0.32 12.86
CA ASP A 285 1.50 0.54 12.46
C ASP A 285 1.40 1.45 11.26
N LEU A 286 2.49 2.09 10.85
CA LEU A 286 2.41 2.92 9.64
C LEU A 286 2.40 2.07 8.36
N ILE A 287 2.61 0.76 8.45
CA ILE A 287 2.31 -0.13 7.33
C ILE A 287 0.86 0.10 6.87
N PHE A 288 -0.06 0.20 7.84
CA PHE A 288 -1.51 0.26 7.63
C PHE A 288 -2.06 1.46 8.38
N PRO A 289 -1.82 2.65 7.86
CA PRO A 289 -2.19 3.86 8.60
C PRO A 289 -3.69 4.01 8.74
N ASP A 290 -4.09 4.53 9.91
CA ASP A 290 -5.47 4.76 10.35
C ASP A 290 -5.67 6.26 10.56
N CYS A 291 -5.86 7.00 9.48
CA CYS A 291 -5.91 8.44 9.55
C CYS A 291 -7.25 8.97 10.05
N LEU A 292 -8.27 8.12 10.13
CA LEU A 292 -9.63 8.56 10.47
C LEU A 292 -10.01 8.39 11.93
N ALA A 293 -9.39 7.47 12.67
CA ALA A 293 -9.73 7.29 14.07
C ALA A 293 -9.69 8.63 14.80
N PRO A 294 -10.71 8.97 15.58
CA PRO A 294 -10.84 10.35 16.07
C PRO A 294 -9.84 10.62 17.17
N ARG A 295 -9.46 11.88 17.28
CA ARG A 295 -8.40 12.24 18.24
C ARG A 295 -8.85 13.46 19.04
N VAL A 296 -8.48 13.50 20.32
CA VAL A 296 -8.91 14.59 21.18
C VAL A 296 -8.14 15.85 20.80
N MET A 297 -8.85 16.97 20.72
CA MET A 297 -8.29 18.22 20.25
C MET A 297 -7.46 18.86 21.35
N LEU A 298 -6.19 19.14 21.07
CA LEU A 298 -5.28 19.76 22.01
C LEU A 298 -5.52 21.27 22.09
N GLU A 299 -5.70 21.76 23.32
CA GLU A 299 -5.84 23.20 23.48
C GLU A 299 -4.72 23.74 24.36
N PRO A 300 -4.20 24.94 24.06
CA PRO A 300 -2.97 25.55 24.62
C PRO A 300 -2.71 25.33 26.12
N GLN A 307 7.06 33.86 37.18
CA GLN A 307 8.52 33.88 37.33
C GLN A 307 8.96 33.62 38.77
N THR A 308 10.22 33.20 38.93
CA THR A 308 10.84 32.91 40.22
C THR A 308 11.73 34.08 40.65
N GLN A 309 11.81 34.26 41.98
CA GLN A 309 12.73 35.26 42.49
C GLN A 309 14.15 34.73 42.59
N GLU A 310 14.29 33.46 42.95
CA GLU A 310 15.56 32.90 43.40
C GLU A 310 16.69 33.12 42.40
N ILE A 311 17.90 33.17 42.93
CA ILE A 311 19.11 33.07 42.13
C ILE A 311 19.90 31.90 42.68
N ILE A 312 20.26 30.96 41.79
CA ILE A 312 21.04 29.80 42.19
C ILE A 312 22.43 29.88 41.54
N SER A 313 23.32 29.04 42.02
CA SER A 313 24.70 29.12 41.61
C SER A 313 25.17 27.75 41.18
N VAL A 314 25.46 27.59 39.89
CA VAL A 314 25.88 26.31 39.34
C VAL A 314 27.36 26.40 39.03
N THR A 315 28.08 25.33 39.31
CA THR A 315 29.49 25.30 39.00
C THR A 315 29.62 24.47 37.73
N LEU A 316 29.98 25.15 36.63
CA LEU A 316 30.23 24.55 35.34
C LEU A 316 31.70 24.17 35.21
N GLN A 317 31.97 23.02 34.60
CA GLN A 317 33.30 22.46 34.77
C GLN A 317 33.68 21.65 33.53
N VAL A 318 34.94 21.77 33.11
CA VAL A 318 35.51 21.09 31.94
C VAL A 318 36.91 20.59 32.28
N LEU A 319 37.10 19.28 32.28
CA LEU A 319 38.38 18.71 32.67
C LEU A 319 39.12 18.04 31.50
N SER A 320 38.46 17.84 30.38
CA SER A 320 39.09 17.18 29.26
C SER A 320 40.14 18.07 28.61
N LEU A 321 40.20 19.33 29.01
CA LEU A 321 41.12 20.31 28.46
C LEU A 321 42.02 20.81 29.58
N LEU A 322 43.26 21.18 29.19
CA LEU A 322 44.24 21.64 30.14
C LEU A 322 44.67 23.08 29.83
N PRO A 323 44.70 23.96 30.83
CA PRO A 323 44.31 23.72 32.22
C PRO A 323 42.78 23.76 32.41
N PRO A 324 42.26 22.90 33.27
CA PRO A 324 40.80 22.76 33.38
C PRO A 324 40.11 24.07 33.69
N TYR A 325 38.87 24.17 33.23
CA TYR A 325 37.97 25.27 33.58
C TYR A 325 37.01 24.76 34.64
N ARG A 326 36.86 25.53 35.70
CA ARG A 326 35.84 25.27 36.73
C ARG A 326 35.40 26.60 37.32
N GLN A 327 34.13 26.98 37.14
CA GLN A 327 33.65 28.23 37.71
C GLN A 327 32.22 28.06 38.18
N SER A 328 31.83 28.89 39.14
CA SER A 328 30.46 29.03 39.59
C SER A 328 29.79 30.17 38.83
N ILE A 329 28.62 29.90 38.28
CA ILE A 329 27.86 30.87 37.52
C ILE A 329 26.54 31.09 38.22
N SER A 330 26.07 32.34 38.24
CA SER A 330 24.87 32.72 38.98
C SER A 330 23.79 33.06 37.97
N VAL A 331 22.73 32.25 37.97
CA VAL A 331 21.59 32.41 37.09
C VAL A 331 20.34 32.20 37.93
N LEU A 332 19.19 32.64 37.39
CA LEU A 332 17.88 32.39 38.01
C LEU A 332 17.59 30.89 38.13
N ALA A 333 16.87 30.52 39.19
CA ALA A 333 16.48 29.12 39.33
C ALA A 333 15.49 28.74 38.24
N GLY A 334 15.47 27.44 37.91
CA GLY A 334 14.72 27.00 36.75
C GLY A 334 15.45 27.18 35.43
N SER A 335 16.62 27.82 35.44
CA SER A 335 17.43 27.93 34.23
C SER A 335 17.94 26.55 33.77
N THR A 336 18.21 26.44 32.48
CA THR A 336 18.77 25.19 31.98
C THR A 336 20.28 25.29 31.90
N VAL A 337 20.92 24.13 31.66
CA VAL A 337 22.35 24.11 31.40
C VAL A 337 22.68 25.05 30.25
N GLU A 338 21.82 25.11 29.23
CA GLU A 338 22.02 26.12 28.21
C GLU A 338 22.11 27.52 28.80
N ASP A 339 21.16 27.87 29.70
CA ASP A 339 21.17 29.19 30.30
C ASP A 339 22.50 29.49 30.97
N VAL A 340 23.09 28.47 31.63
CA VAL A 340 24.36 28.65 32.30
C VAL A 340 25.46 28.93 31.28
N LEU A 341 25.60 28.07 30.27
CA LEU A 341 26.64 28.24 29.27
C LEU A 341 26.63 29.64 28.66
N LYS A 342 25.45 30.15 28.28
CA LYS A 342 25.36 31.53 27.78
C LYS A 342 26.00 32.48 28.77
N LYS A 343 25.62 32.36 30.04
CA LYS A 343 26.09 33.29 31.06
C LYS A 343 27.60 33.16 31.27
N ALA A 344 28.13 31.94 31.23
CA ALA A 344 29.58 31.77 31.34
C ALA A 344 30.29 32.43 30.17
N HIS A 345 29.69 32.36 28.98
CA HIS A 345 30.21 33.07 27.83
C HIS A 345 30.17 34.58 28.03
N GLU A 346 29.03 35.11 28.50
CA GLU A 346 28.89 36.56 28.68
C GLU A 346 29.91 37.12 29.67
N LEU A 347 30.14 36.45 30.79
CA LEU A 347 31.05 36.95 31.81
C LEU A 347 32.51 36.89 31.37
N GLY A 348 32.82 36.22 30.27
CA GLY A 348 34.18 36.21 29.74
C GLY A 348 34.94 34.92 29.96
N GLY A 349 35.74 34.52 28.97
CA GLY A 349 36.61 33.38 29.17
C GLY A 349 35.93 32.04 29.17
N PHE A 350 34.84 31.87 28.41
CA PHE A 350 34.25 30.58 28.14
C PHE A 350 33.50 30.67 26.80
N THR A 351 33.76 29.70 25.92
CA THR A 351 33.09 29.59 24.64
C THR A 351 32.67 28.16 24.40
N TYR A 352 31.61 28.03 23.61
CA TYR A 352 31.04 26.75 23.21
C TYR A 352 30.30 26.99 21.90
N GLU A 353 30.03 25.90 21.16
CA GLU A 353 29.20 25.97 19.97
C GLU A 353 28.14 24.86 20.00
N THR A 354 26.92 25.18 19.55
CA THR A 354 25.89 24.15 19.41
C THR A 354 25.42 24.03 17.97
N GLN A 355 24.83 22.88 17.62
CA GLN A 355 24.10 22.79 16.37
C GLN A 355 22.68 22.21 16.58
N ALA A 356 21.76 22.66 15.71
CA ALA A 356 20.36 22.23 15.78
C ALA A 356 20.21 20.75 15.49
N SER A 357 19.28 20.13 16.21
CA SER A 357 18.86 18.76 15.98
C SER A 357 17.38 18.66 16.27
N LEU A 358 16.80 17.53 15.89
CA LEU A 358 15.40 17.33 16.20
C LEU A 358 15.14 17.35 17.71
N SER A 359 16.16 17.13 18.55
CA SER A 359 15.94 17.09 20.00
C SER A 359 16.33 18.39 20.68
N GLY A 360 16.67 19.43 19.92
CA GLY A 360 17.13 20.66 20.47
C GLY A 360 18.60 20.89 20.24
N PRO A 361 19.13 21.94 20.87
CA PRO A 361 20.58 22.26 20.71
C PRO A 361 21.50 21.12 21.13
N TYR A 362 22.34 20.69 20.19
CA TYR A 362 23.39 19.70 20.42
C TYR A 362 24.73 20.41 20.63
N LEU A 363 25.52 19.96 21.63
CA LEU A 363 26.76 20.63 21.99
C LEU A 363 27.91 20.06 21.15
N THR A 364 28.48 20.88 20.27
CA THR A 364 29.44 20.39 19.28
C THR A 364 30.87 20.74 19.61
N SER A 365 31.10 21.93 20.16
CA SER A 365 32.42 22.45 20.47
C SER A 365 32.36 23.10 21.83
N VAL A 366 33.39 22.87 22.65
CA VAL A 366 33.53 23.56 23.91
C VAL A 366 34.94 24.13 24.01
N MET A 367 35.04 25.45 24.23
CA MET A 367 36.33 26.11 24.43
C MET A 367 37.23 25.97 23.20
N GLY A 368 36.65 26.08 22.01
CA GLY A 368 37.41 25.92 20.79
C GLY A 368 37.64 24.49 20.35
N LYS A 369 37.59 23.50 21.24
CA LYS A 369 37.76 22.11 20.81
C LYS A 369 36.42 21.55 20.35
N ALA A 370 36.40 20.96 19.16
CA ALA A 370 35.18 20.39 18.63
C ALA A 370 35.26 18.88 18.73
N ALA A 371 34.12 18.25 18.91
CA ALA A 371 34.12 16.79 18.94
C ALA A 371 34.61 16.27 17.60
N GLY A 372 35.62 15.42 17.67
CA GLY A 372 36.07 14.73 16.48
C GLY A 372 35.16 13.59 16.07
N GLU A 373 35.68 12.78 15.16
CA GLU A 373 34.96 11.60 14.69
C GLU A 373 34.94 10.55 15.80
N ARG A 374 33.77 9.94 16.00
CA ARG A 374 33.57 8.99 17.11
C ARG A 374 33.83 9.66 18.45
N GLU A 375 33.61 10.97 18.53
CA GLU A 375 33.78 11.72 19.76
C GLU A 375 32.50 12.48 20.05
N PHE A 376 32.23 12.72 21.33
CA PHE A 376 31.22 13.71 21.65
C PHE A 376 31.54 14.34 22.99
N TRP A 377 31.03 15.56 23.14
CA TRP A 377 31.04 16.30 24.40
C TRP A 377 29.89 15.84 25.29
N GLN A 378 30.19 14.99 26.27
CA GLN A 378 29.19 14.42 27.15
C GLN A 378 28.88 15.39 28.28
N LEU A 379 27.65 15.37 28.77
CA LEU A 379 27.24 16.20 29.91
C LEU A 379 27.02 15.32 31.14
N LEU A 380 27.57 15.72 32.28
CA LEU A 380 27.42 14.95 33.50
C LEU A 380 27.05 15.86 34.66
N ARG A 381 26.66 15.21 35.73
CA ARG A 381 26.39 15.89 36.99
C ARG A 381 27.08 15.08 38.06
N ASP A 382 27.15 15.64 39.25
CA ASP A 382 27.83 14.97 40.34
C ASP A 382 27.00 13.80 40.86
N PRO A 383 27.59 12.62 41.09
CA PRO A 383 28.98 12.15 40.91
C PRO A 383 29.24 11.36 39.60
N ASN A 384 30.06 11.91 38.69
CA ASN A 384 30.43 11.24 37.45
C ASN A 384 29.28 10.48 36.79
N THR A 385 28.07 11.06 36.81
CA THR A 385 26.86 10.43 36.32
C THR A 385 26.36 11.16 35.09
N PRO A 386 26.31 10.52 33.93
CA PRO A 386 25.83 11.21 32.72
C PRO A 386 24.37 11.64 32.84
N LEU A 387 24.12 12.84 32.35
CA LEU A 387 22.77 13.36 32.28
C LEU A 387 21.96 12.60 31.25
N LEU A 388 20.66 12.54 31.48
CA LEU A 388 19.75 11.89 30.54
C LEU A 388 19.01 12.96 29.74
N GLN A 389 19.39 14.23 29.86
CA GLN A 389 18.77 15.26 29.03
C GLN A 389 19.85 16.23 28.61
N GLY A 390 19.54 17.01 27.58
CA GLY A 390 20.50 17.88 26.94
C GLY A 390 20.56 19.26 27.57
N ILE A 391 21.34 20.13 26.94
CA ILE A 391 21.68 21.38 27.59
C ILE A 391 20.48 22.29 27.70
N ALA A 392 19.41 22.03 26.95
CA ALA A 392 18.25 22.90 26.99
C ALA A 392 17.05 22.26 27.69
N ASP A 393 17.21 21.05 28.22
CA ASP A 393 16.16 20.47 29.04
C ASP A 393 16.57 20.29 30.49
N TYR A 394 17.84 19.99 30.77
CA TYR A 394 18.26 19.77 32.16
C TYR A 394 18.24 21.07 32.92
N ARG A 395 17.53 21.11 34.05
CA ARG A 395 17.55 22.30 34.89
C ARG A 395 18.31 22.01 36.18
N PRO A 396 19.52 22.54 36.35
CA PRO A 396 20.32 22.18 37.54
C PRO A 396 19.76 22.83 38.81
N LYS A 397 19.82 22.05 39.88
CA LYS A 397 19.52 22.54 41.22
C LYS A 397 20.66 23.44 41.73
N ASP A 398 20.30 24.40 42.56
CA ASP A 398 21.29 25.20 43.27
C ASP A 398 22.41 24.29 43.77
N GLY A 399 23.65 24.58 43.34
CA GLY A 399 24.82 23.91 43.86
C GLY A 399 25.31 22.72 43.06
N GLU A 400 24.56 22.25 42.07
CA GLU A 400 25.02 21.11 41.30
C GLU A 400 26.21 21.51 40.45
N THR A 401 27.21 20.65 40.38
CA THR A 401 28.26 20.89 39.39
C THR A 401 27.93 20.12 38.10
N ILE A 402 28.17 20.77 36.97
CA ILE A 402 27.85 20.25 35.65
C ILE A 402 29.17 20.09 34.88
N GLU A 403 29.42 18.90 34.37
CA GLU A 403 30.60 18.67 33.57
C GLU A 403 30.27 18.66 32.09
N LEU A 404 31.19 19.19 31.29
CA LEU A 404 31.26 18.92 29.85
C LEU A 404 32.51 18.11 29.64
N ARG A 405 32.38 16.95 29.01
CA ARG A 405 33.51 16.04 28.89
C ARG A 405 33.64 15.59 27.46
N LEU A 406 34.87 15.58 26.93
CA LEU A 406 35.09 15.12 25.56
C LEU A 406 35.42 13.64 25.65
N VAL A 407 34.48 12.79 25.22
CA VAL A 407 34.54 11.35 25.45
C VAL A 407 34.47 10.65 24.11
N SER A 408 35.15 9.51 24.01
CA SER A 408 35.10 8.73 22.79
C SER A 408 33.92 7.76 22.85
N TRP A 409 33.35 7.45 21.69
CA TRP A 409 32.23 6.50 21.61
C TRP A 409 32.20 5.74 20.28
N SER B 2 1.57 1.45 -35.58
CA SER B 2 1.18 0.06 -35.36
C SER B 2 -0.14 -0.07 -34.60
N CYS B 3 -0.89 1.03 -34.51
CA CYS B 3 -2.02 1.08 -33.61
C CYS B 3 -3.25 1.62 -34.33
N PRO B 4 -4.41 0.95 -34.21
CA PRO B 4 -5.63 1.38 -34.92
C PRO B 4 -5.98 2.83 -34.64
N PRO B 5 -6.86 3.43 -35.44
CA PRO B 5 -7.30 4.79 -35.13
C PRO B 5 -8.28 4.75 -33.98
N THR B 6 -8.88 5.88 -33.61
CA THR B 6 -9.78 5.95 -32.45
C THR B 6 -9.12 5.40 -31.19
N LYS B 7 -7.77 5.39 -31.17
CA LYS B 7 -7.00 4.78 -30.10
C LYS B 7 -5.62 5.43 -30.00
N PHE B 8 -5.20 5.73 -28.76
CA PHE B 8 -3.88 6.27 -28.43
C PHE B 8 -2.89 5.14 -28.23
N GLN B 9 -1.72 5.25 -28.84
CA GLN B 9 -0.66 4.27 -28.62
C GLN B 9 0.30 4.76 -27.53
N CYS B 10 0.47 3.94 -26.49
CA CYS B 10 1.49 4.23 -25.49
C CYS B 10 2.87 4.26 -26.13
N ARG B 11 3.62 5.34 -25.85
CA ARG B 11 4.95 5.49 -26.42
C ARG B 11 5.81 4.25 -26.19
N THR B 12 5.96 3.82 -24.93
CA THR B 12 6.94 2.79 -24.64
C THR B 12 6.44 1.40 -25.03
N SER B 13 5.23 1.03 -24.61
CA SER B 13 4.83 -0.37 -24.72
C SER B 13 4.14 -0.70 -26.03
N GLY B 14 3.53 0.28 -26.70
CA GLY B 14 2.83 0.01 -27.94
C GLY B 14 1.39 -0.44 -27.77
N LEU B 15 0.89 -0.48 -26.54
CA LEU B 15 -0.49 -0.84 -26.28
C LEU B 15 -1.41 0.36 -26.50
N CYS B 16 -2.69 0.07 -26.70
CA CYS B 16 -3.62 1.06 -27.20
C CYS B 16 -4.77 1.23 -26.22
N VAL B 17 -5.00 2.47 -25.80
CA VAL B 17 -6.06 2.84 -24.88
C VAL B 17 -7.00 3.67 -25.72
N PRO B 18 -8.32 3.74 -25.39
CA PRO B 18 -9.16 4.63 -26.11
C PRO B 18 -8.77 6.07 -25.80
N LEU B 19 -8.88 6.92 -26.80
CA LEU B 19 -8.72 8.35 -26.47
C LEU B 19 -9.92 8.61 -25.58
N THR B 20 -9.86 9.52 -24.59
CA THR B 20 -10.83 9.70 -23.46
C THR B 20 -10.16 9.04 -22.26
N TRP B 21 -9.12 8.25 -22.48
CA TRP B 21 -8.23 7.80 -21.39
C TRP B 21 -7.02 8.72 -21.51
N ARG B 22 -7.10 9.71 -22.42
CA ARG B 22 -6.01 10.68 -22.66
C ARG B 22 -6.40 12.00 -22.04
N CYS B 23 -5.53 12.59 -21.22
CA CYS B 23 -5.83 13.84 -20.47
C CYS B 23 -7.10 13.63 -19.63
N ASP B 24 -7.26 12.46 -19.01
CA ASP B 24 -8.41 12.13 -18.16
C ASP B 24 -7.93 12.20 -16.71
N ARG B 25 -6.71 12.68 -16.51
CA ARG B 25 -6.03 12.82 -15.21
C ARG B 25 -5.65 11.48 -14.59
N ASP B 26 -5.68 10.39 -15.36
CA ASP B 26 -5.30 9.06 -14.87
C ASP B 26 -4.17 8.50 -15.71
N LEU B 27 -3.16 7.94 -15.05
CA LEU B 27 -1.99 7.40 -15.72
C LEU B 27 -2.31 5.98 -16.17
N ASP B 28 -2.71 5.83 -17.43
CA ASP B 28 -3.22 4.56 -17.92
C ASP B 28 -2.19 3.70 -18.63
N CYS B 29 -1.25 4.32 -19.33
CA CYS B 29 -0.09 3.60 -19.84
C CYS B 29 0.94 3.44 -18.72
N SER B 30 1.79 2.42 -18.85
CA SER B 30 2.80 2.26 -17.80
C SER B 30 3.85 3.36 -17.81
N ASP B 31 3.86 4.25 -18.81
CA ASP B 31 4.80 5.36 -18.87
C ASP B 31 4.17 6.71 -18.55
N GLY B 32 2.97 6.99 -19.04
CA GLY B 32 2.31 8.25 -18.77
C GLY B 32 2.03 9.09 -19.99
N SER B 33 2.36 8.62 -21.20
CA SER B 33 2.13 9.42 -22.41
C SER B 33 0.66 9.75 -22.62
N ASP B 34 -0.27 8.93 -22.10
CA ASP B 34 -1.68 9.31 -22.18
C ASP B 34 -1.97 10.58 -21.41
N GLU B 35 -1.13 10.91 -20.42
CA GLU B 35 -1.31 12.13 -19.63
C GLU B 35 -0.25 13.17 -19.91
N GLU B 36 0.59 12.95 -20.92
CA GLU B 36 1.63 13.89 -21.29
C GLU B 36 1.08 14.98 -22.20
N GLU B 37 1.72 16.16 -22.15
CA GLU B 37 1.38 17.33 -22.96
C GLU B 37 -0.13 17.60 -22.91
N CYS B 38 -0.65 17.67 -21.69
CA CYS B 38 -2.09 17.73 -21.47
C CYS B 38 -2.38 19.02 -20.73
N ARG B 39 -2.92 20.01 -21.44
CA ARG B 39 -3.57 21.11 -20.77
C ARG B 39 -4.90 20.61 -20.25
N ILE B 40 -5.12 20.69 -18.94
CA ILE B 40 -6.34 20.20 -18.34
C ILE B 40 -7.30 21.36 -18.08
N GLU B 41 -8.53 21.01 -17.74
CA GLU B 41 -9.56 22.01 -17.46
C GLU B 41 -9.72 22.16 -15.95
N PRO B 42 -10.19 23.34 -15.55
CA PRO B 42 -10.43 23.65 -14.14
C PRO B 42 -11.33 22.61 -13.44
N SER B 77 -37.75 17.63 -10.41
CA SER B 77 -36.56 17.72 -11.29
C SER B 77 -35.57 16.63 -10.88
N ARG B 78 -35.07 16.67 -9.64
CA ARG B 78 -34.21 15.59 -9.19
C ARG B 78 -34.92 14.70 -8.17
N LEU B 79 -34.29 13.56 -7.91
CA LEU B 79 -34.88 12.48 -7.14
C LEU B 79 -34.17 12.38 -5.80
N ALA B 80 -34.92 12.00 -4.76
CA ALA B 80 -34.45 12.05 -3.38
C ALA B 80 -33.79 10.76 -2.95
N CYS B 81 -32.73 10.89 -2.16
CA CYS B 81 -31.99 9.73 -1.67
C CYS B 81 -32.78 9.06 -0.56
N LEU B 82 -32.31 7.91 -0.10
CA LEU B 82 -33.08 7.14 0.91
C LEU B 82 -32.83 7.64 2.32
N ALA B 83 -33.42 6.94 3.28
CA ALA B 83 -33.35 7.36 4.70
C ALA B 83 -31.94 7.36 5.26
N GLY B 84 -31.14 6.36 4.95
CA GLY B 84 -29.81 6.19 5.58
C GLY B 84 -28.73 6.85 4.77
N GLU B 85 -29.12 7.59 3.75
CA GLU B 85 -28.11 8.15 2.83
C GLU B 85 -28.00 9.67 2.85
N LEU B 86 -26.94 10.17 2.23
CA LEU B 86 -26.76 11.60 2.03
C LEU B 86 -26.34 11.87 0.59
N ARG B 87 -26.65 13.07 0.12
CA ARG B 87 -26.32 13.45 -1.25
C ARG B 87 -24.99 14.18 -1.28
N CYS B 88 -24.12 13.75 -2.20
CA CYS B 88 -22.93 14.52 -2.52
C CYS B 88 -23.30 15.98 -2.70
N THR B 89 -22.47 16.86 -2.15
CA THR B 89 -22.81 18.27 -2.18
C THR B 89 -22.69 18.87 -3.58
N LEU B 90 -22.07 18.18 -4.53
CA LEU B 90 -21.94 18.72 -5.88
C LEU B 90 -22.38 17.77 -6.97
N SER B 91 -22.97 16.63 -6.62
CA SER B 91 -23.40 15.65 -7.60
C SER B 91 -24.76 15.11 -7.17
N ASP B 92 -25.43 14.43 -8.09
CA ASP B 92 -26.71 13.83 -7.78
C ASP B 92 -26.58 12.41 -7.24
N ASP B 93 -25.37 11.94 -6.99
CA ASP B 93 -25.18 10.60 -6.45
C ASP B 93 -25.70 10.52 -5.02
N CYS B 94 -26.07 9.31 -4.61
CA CYS B 94 -26.39 9.05 -3.22
C CYS B 94 -25.44 7.99 -2.67
N ILE B 95 -25.07 8.16 -1.41
CA ILE B 95 -24.11 7.22 -0.77
C ILE B 95 -24.60 6.91 0.62
N PRO B 96 -24.45 5.69 1.16
CA PRO B 96 -24.79 5.42 2.54
C PRO B 96 -24.01 6.33 3.48
N LEU B 97 -24.66 6.70 4.57
CA LEU B 97 -23.97 7.53 5.57
C LEU B 97 -22.82 6.72 6.13
N THR B 98 -22.91 5.39 6.08
CA THR B 98 -21.73 4.69 6.58
C THR B 98 -20.51 4.91 5.71
N TRP B 99 -20.64 5.62 4.60
CA TRP B 99 -19.51 5.82 3.66
C TRP B 99 -18.85 7.18 3.88
N ARG B 100 -19.38 8.00 4.77
CA ARG B 100 -18.73 9.27 5.14
C ARG B 100 -17.53 8.97 6.03
N CYS B 101 -16.40 9.66 5.80
CA CYS B 101 -15.20 9.49 6.64
C CYS B 101 -14.81 8.00 6.68
N ASP B 102 -14.81 7.34 5.52
CA ASP B 102 -14.48 5.90 5.43
C ASP B 102 -13.08 5.72 4.85
N GLY B 103 -12.41 6.78 4.45
CA GLY B 103 -11.09 6.75 3.86
C GLY B 103 -11.06 6.81 2.35
N HIS B 104 -12.22 6.71 1.68
CA HIS B 104 -12.24 6.68 0.20
C HIS B 104 -13.21 7.71 -0.32
N PRO B 105 -12.91 8.41 -1.42
CA PRO B 105 -13.90 9.34 -1.92
C PRO B 105 -14.94 8.65 -2.80
N ASP B 106 -16.16 8.57 -2.27
CA ASP B 106 -17.29 7.91 -2.97
C ASP B 106 -18.09 8.93 -3.75
N CYS B 107 -17.74 10.19 -3.61
CA CYS B 107 -18.47 11.27 -4.30
C CYS B 107 -17.50 11.88 -5.31
N PRO B 108 -17.91 12.20 -6.55
CA PRO B 108 -17.01 12.85 -7.51
C PRO B 108 -16.20 13.98 -6.86
N ASP B 109 -16.87 14.85 -6.08
CA ASP B 109 -16.25 15.96 -5.36
C ASP B 109 -15.55 15.56 -4.05
N SER B 110 -15.60 14.31 -3.61
CA SER B 110 -14.87 13.85 -2.41
C SER B 110 -15.42 14.53 -1.15
N SER B 111 -16.69 14.94 -1.16
CA SER B 111 -17.39 15.59 -0.03
C SER B 111 -17.47 14.67 1.19
N ASP B 112 -17.65 13.38 0.97
CA ASP B 112 -17.82 12.39 2.06
C ASP B 112 -16.59 12.41 2.96
N GLU B 113 -15.42 12.63 2.39
CA GLU B 113 -14.16 12.63 3.15
C GLU B 113 -13.75 14.02 3.67
N LEU B 114 -14.52 15.09 3.45
CA LEU B 114 -14.06 16.46 3.82
C LEU B 114 -13.74 16.65 5.30
N GLY B 115 -14.75 16.66 6.16
CA GLY B 115 -14.50 17.00 7.57
C GLY B 115 -13.90 15.87 8.37
N CYS B 116 -12.82 15.25 7.88
CA CYS B 116 -12.40 13.99 8.54
C CYS B 116 -11.16 14.06 9.45
N GLY B 117 -10.57 15.22 9.76
CA GLY B 117 -9.60 15.26 10.88
C GLY B 117 -10.22 15.65 12.21
N THR B 118 -10.56 14.68 13.06
CA THR B 118 -11.93 14.54 13.65
C THR B 118 -11.91 14.41 15.17
N ASN B 119 -12.81 15.09 15.88
CA ASN B 119 -12.88 15.08 17.37
C ASN B 119 -13.51 13.82 17.98
N GLU B 120 -13.17 13.52 19.23
CA GLU B 120 -13.77 12.37 19.93
C GLU B 120 -14.44 12.88 21.22
N CYS C 3 1.56 -25.15 8.22
CA CYS C 3 0.89 -25.85 7.11
C CYS C 3 1.69 -25.76 5.82
N GLU C 4 2.54 -26.75 5.57
CA GLU C 4 3.55 -26.67 4.53
C GLU C 4 3.25 -27.68 3.42
N ILE C 5 3.41 -27.24 2.17
CA ILE C 5 3.25 -28.10 1.01
C ILE C 5 4.64 -28.28 0.38
N PRO C 6 5.40 -29.29 0.81
CA PRO C 6 6.69 -29.57 0.18
C PRO C 6 6.60 -29.58 -1.35
N GLU C 7 7.71 -29.20 -1.99
CA GLU C 7 7.72 -28.99 -3.42
C GLU C 7 7.23 -30.20 -4.19
N MET C 8 6.74 -29.94 -5.39
CA MET C 8 6.42 -30.97 -6.36
C MET C 8 7.60 -31.10 -7.33
N ASP C 9 7.52 -32.15 -8.15
CA ASP C 9 8.41 -32.30 -9.29
C ASP C 9 8.32 -31.05 -10.19
N SER C 10 9.46 -30.64 -10.78
CA SER C 10 9.49 -29.42 -11.61
C SER C 10 8.72 -29.57 -12.91
N HIS C 11 8.62 -30.78 -13.48
CA HIS C 11 7.78 -30.96 -14.65
C HIS C 11 6.30 -30.88 -14.28
N LEU C 12 5.91 -31.55 -13.19
CA LEU C 12 4.50 -31.60 -12.81
C LEU C 12 3.91 -30.19 -12.67
N VAL C 13 4.62 -29.30 -11.96
CA VAL C 13 4.15 -27.92 -11.84
C VAL C 13 4.11 -27.25 -13.21
N GLU C 14 5.14 -27.48 -14.04
CA GLU C 14 5.11 -26.98 -15.41
C GLU C 14 3.92 -27.53 -16.21
N LYS C 15 3.49 -28.75 -15.90
CA LYS C 15 2.33 -29.30 -16.59
C LYS C 15 1.09 -28.45 -16.32
N LEU C 16 0.80 -28.18 -15.04
CA LEU C 16 -0.32 -27.32 -14.69
C LEU C 16 -0.23 -25.98 -15.40
N GLY C 17 0.95 -25.36 -15.35
CA GLY C 17 1.15 -24.09 -16.04
C GLY C 17 0.74 -24.17 -17.50
N GLN C 18 1.09 -25.27 -18.17
CA GLN C 18 0.83 -25.37 -19.60
C GLN C 18 -0.66 -25.37 -19.90
N HIS C 19 -1.48 -25.91 -19.00
CA HIS C 19 -2.92 -25.81 -19.21
C HIS C 19 -3.39 -24.36 -19.19
N LEU C 20 -2.66 -23.48 -18.49
CA LEU C 20 -3.02 -22.07 -18.49
C LEU C 20 -2.55 -21.33 -19.74
N LEU C 21 -1.42 -21.73 -20.30
CA LEU C 21 -0.75 -20.93 -21.32
C LEU C 21 -1.61 -20.61 -22.56
N PRO C 22 -2.47 -21.51 -23.08
CA PRO C 22 -3.29 -21.09 -24.24
C PRO C 22 -4.21 -19.93 -23.91
N TRP C 23 -4.85 -19.98 -22.75
CA TRP C 23 -5.76 -18.92 -22.32
C TRP C 23 -5.10 -17.56 -22.42
N MET C 24 -3.78 -17.51 -22.22
CA MET C 24 -3.00 -16.29 -22.26
C MET C 24 -3.18 -15.56 -23.58
N ASP C 25 -3.79 -16.23 -24.57
CA ASP C 25 -4.02 -15.64 -25.88
C ASP C 25 -5.50 -15.52 -26.17
N ARG C 26 -6.34 -15.67 -25.16
CA ARG C 26 -7.79 -15.64 -25.32
C ARG C 26 -8.29 -14.38 -24.59
N LEU C 27 -8.36 -13.27 -25.32
CA LEU C 27 -8.54 -11.97 -24.74
C LEU C 27 -9.94 -11.39 -24.92
N SER C 28 -10.91 -12.13 -25.45
CA SER C 28 -12.27 -11.58 -25.49
C SER C 28 -12.87 -11.56 -24.07
N LEU C 29 -13.62 -10.49 -23.76
CA LEU C 29 -14.16 -10.36 -22.41
C LEU C 29 -14.97 -11.59 -21.99
N GLU C 30 -15.48 -12.39 -22.94
CA GLU C 30 -16.10 -13.67 -22.61
C GLU C 30 -15.14 -14.58 -21.83
N HIS C 31 -13.85 -14.59 -22.19
CA HIS C 31 -12.89 -15.51 -21.61
C HIS C 31 -11.89 -14.85 -20.67
N LEU C 32 -11.75 -13.51 -20.70
CA LEU C 32 -10.74 -12.81 -19.89
C LEU C 32 -10.92 -13.16 -18.43
N ASN C 33 -9.87 -13.69 -17.81
CA ASN C 33 -10.00 -14.26 -16.47
C ASN C 33 -8.99 -13.70 -15.48
N PRO C 34 -9.38 -12.73 -14.64
CA PRO C 34 -8.40 -12.17 -13.69
C PRO C 34 -7.89 -13.22 -12.73
N SER C 35 -8.70 -14.23 -12.39
CA SER C 35 -8.18 -15.28 -11.51
C SER C 35 -6.92 -15.93 -12.10
N ILE C 36 -6.90 -16.19 -13.43
CA ILE C 36 -5.75 -16.78 -14.10
C ILE C 36 -4.51 -15.92 -13.91
N TYR C 37 -4.59 -14.65 -14.32
CA TYR C 37 -3.54 -13.68 -14.03
C TYR C 37 -3.00 -13.85 -12.61
N VAL C 38 -3.85 -13.62 -11.60
CA VAL C 38 -3.43 -13.69 -10.20
C VAL C 38 -2.72 -15.01 -9.92
N GLY C 39 -3.34 -16.12 -10.30
CA GLY C 39 -2.68 -17.41 -10.11
C GLY C 39 -1.32 -17.47 -10.78
N LEU C 40 -1.22 -16.96 -12.01
CA LEU C 40 0.08 -16.98 -12.67
C LEU C 40 1.08 -16.15 -11.87
N ARG C 41 0.75 -14.87 -11.61
CA ARG C 41 1.68 -13.94 -10.95
C ARG C 41 2.23 -14.47 -9.62
N LEU C 42 1.49 -15.32 -8.94
CA LEU C 42 1.89 -15.84 -7.64
C LEU C 42 2.52 -17.21 -7.73
N SER C 43 2.69 -17.75 -8.92
CA SER C 43 3.25 -19.07 -9.06
C SER C 43 4.74 -18.97 -9.38
N SER C 44 5.34 -20.13 -9.63
CA SER C 44 6.70 -20.23 -10.08
C SER C 44 6.83 -20.07 -11.58
N LEU C 45 5.72 -20.06 -12.33
CA LEU C 45 5.75 -19.91 -13.78
C LEU C 45 5.38 -18.48 -14.20
N GLN C 46 5.76 -18.14 -15.42
CA GLN C 46 5.32 -16.90 -16.05
C GLN C 46 5.08 -17.15 -17.53
N ALA C 47 4.56 -16.14 -18.22
CA ALA C 47 4.36 -16.22 -19.66
C ALA C 47 4.99 -15.04 -20.38
N GLY C 48 5.95 -14.37 -19.74
CA GLY C 48 6.67 -13.31 -20.41
C GLY C 48 5.80 -12.14 -20.78
N THR C 49 5.93 -11.70 -22.03
CA THR C 49 5.27 -10.50 -22.49
C THR C 49 3.78 -10.69 -22.61
N LYS C 50 3.32 -11.94 -22.68
CA LYS C 50 1.90 -12.20 -22.80
C LYS C 50 1.15 -11.61 -21.61
N GLU C 51 1.68 -11.86 -20.40
CA GLU C 51 1.08 -11.34 -19.17
C GLU C 51 0.75 -9.86 -19.28
N ASP C 52 1.69 -9.05 -19.75
CA ASP C 52 1.44 -7.62 -19.82
C ASP C 52 0.26 -7.32 -20.73
N LEU C 53 0.18 -7.99 -21.87
CA LEU C 53 -0.95 -7.75 -22.78
C LEU C 53 -2.26 -8.18 -22.12
N TYR C 54 -2.22 -9.28 -21.37
CA TYR C 54 -3.40 -9.80 -20.69
C TYR C 54 -3.98 -8.77 -19.71
N LEU C 55 -3.14 -8.29 -18.78
CA LEU C 55 -3.57 -7.27 -17.83
C LEU C 55 -4.14 -6.08 -18.56
N HIS C 56 -3.46 -5.66 -19.63
CA HIS C 56 -3.96 -4.53 -20.40
C HIS C 56 -5.37 -4.82 -20.90
N SER C 57 -5.60 -6.01 -21.46
CA SER C 57 -6.93 -6.38 -21.92
C SER C 57 -7.89 -6.45 -20.75
N LEU C 58 -7.40 -6.88 -19.59
CA LEU C 58 -8.17 -6.75 -18.36
C LEU C 58 -8.53 -5.30 -18.11
N LYS C 59 -7.52 -4.44 -18.01
CA LYS C 59 -7.75 -3.03 -17.71
C LYS C 59 -8.71 -2.40 -18.70
N LEU C 60 -8.74 -2.89 -19.92
CA LEU C 60 -9.61 -2.31 -20.92
C LEU C 60 -11.01 -2.88 -20.79
N GLY C 61 -11.13 -4.20 -20.74
CA GLY C 61 -12.40 -4.86 -20.57
C GLY C 61 -13.20 -4.31 -19.42
N TYR C 62 -12.63 -4.34 -18.22
CA TYR C 62 -13.42 -4.06 -17.03
C TYR C 62 -13.74 -2.57 -16.90
N GLN C 63 -12.70 -1.72 -16.90
CA GLN C 63 -12.93 -0.29 -16.75
C GLN C 63 -13.91 0.23 -17.81
N GLN C 64 -13.89 -0.32 -19.01
CA GLN C 64 -14.74 0.25 -20.03
C GLN C 64 -16.18 -0.24 -19.91
N CYS C 65 -16.37 -1.52 -19.66
CA CYS C 65 -17.76 -2.03 -19.62
C CYS C 65 -18.41 -1.66 -18.28
N LEU C 66 -17.70 -0.95 -17.41
CA LEU C 66 -18.24 -0.62 -16.06
C LEU C 66 -18.25 0.90 -15.86
N LEU C 67 -17.63 1.67 -16.74
CA LEU C 67 -17.52 3.11 -16.56
C LEU C 67 -18.01 3.92 -17.77
N CYS C 78 -22.66 -4.35 -23.23
CA CYS C 78 -21.62 -5.25 -22.67
C CYS C 78 -22.28 -6.49 -22.07
N GLN C 79 -23.60 -6.63 -22.24
CA GLN C 79 -24.38 -7.80 -21.73
C GLN C 79 -24.23 -7.91 -20.22
N GLY C 80 -23.88 -9.09 -19.76
CA GLY C 80 -23.74 -9.30 -18.31
C GLY C 80 -22.66 -8.38 -17.82
N LYS C 81 -21.60 -8.18 -18.62
CA LYS C 81 -20.51 -7.21 -18.33
C LYS C 81 -19.57 -7.91 -17.37
N PRO C 82 -18.48 -7.31 -16.88
CA PRO C 82 -17.73 -7.99 -15.86
C PRO C 82 -18.69 -8.11 -14.66
N SER C 83 -18.68 -9.26 -14.00
CA SER C 83 -19.51 -9.42 -12.78
C SER C 83 -18.88 -8.65 -11.63
N MET C 84 -19.70 -8.25 -10.67
CA MET C 84 -19.16 -7.61 -9.48
C MET C 84 -18.21 -8.54 -8.71
N GLY C 85 -18.44 -9.84 -8.74
CA GLY C 85 -17.45 -10.74 -8.17
C GLY C 85 -16.20 -10.82 -9.03
N GLN C 86 -16.35 -10.62 -10.34
CA GLN C 86 -15.16 -10.63 -11.22
C GLN C 86 -14.37 -9.34 -10.98
N LEU C 87 -15.06 -8.24 -10.71
CA LEU C 87 -14.37 -6.99 -10.38
C LEU C 87 -13.55 -7.13 -9.11
N ALA C 88 -14.05 -7.87 -8.13
CA ALA C 88 -13.23 -8.24 -6.99
C ALA C 88 -11.91 -8.88 -7.45
N LEU C 89 -11.97 -9.75 -8.45
CA LEU C 89 -10.78 -10.52 -8.82
C LEU C 89 -9.82 -9.69 -9.65
N TYR C 90 -10.38 -8.83 -10.52
CA TYR C 90 -9.55 -7.80 -11.14
C TYR C 90 -8.80 -7.01 -10.09
N LEU C 91 -9.44 -6.71 -8.96
CA LEU C 91 -8.75 -5.99 -7.90
C LEU C 91 -7.62 -6.83 -7.31
N LEU C 92 -7.85 -8.13 -7.09
CA LEU C 92 -6.72 -8.97 -6.73
C LEU C 92 -5.67 -8.98 -7.83
N ALA C 93 -6.09 -8.82 -9.09
CA ALA C 93 -5.12 -8.79 -10.16
C ALA C 93 -4.25 -7.55 -10.09
N LEU C 94 -4.80 -6.41 -9.66
CA LEU C 94 -3.97 -5.21 -9.66
C LEU C 94 -2.84 -5.33 -8.63
N ARG C 95 -3.15 -5.86 -7.45
CA ARG C 95 -2.09 -6.17 -6.50
C ARG C 95 -1.05 -7.12 -7.10
N ALA C 96 -1.47 -8.05 -7.96
CA ALA C 96 -0.54 -9.00 -8.54
C ALA C 96 0.50 -8.29 -9.37
N ASN C 97 0.19 -7.07 -9.78
CA ASN C 97 1.12 -6.25 -10.53
C ASN C 97 1.67 -5.09 -9.70
N CYS C 98 1.72 -5.25 -8.37
CA CYS C 98 2.14 -4.16 -7.51
C CYS C 98 1.47 -2.85 -7.93
N GLU C 99 0.17 -2.89 -8.12
CA GLU C 99 -0.59 -1.68 -8.37
C GLU C 99 -1.56 -1.49 -7.22
N PHE C 100 -1.87 -0.25 -6.92
CA PHE C 100 -3.05 0.06 -6.12
C PHE C 100 -4.13 0.55 -7.06
N VAL C 101 -5.38 0.42 -6.64
CA VAL C 101 -6.48 0.95 -7.43
C VAL C 101 -6.54 2.45 -7.21
N ARG C 102 -6.26 3.21 -8.27
CA ARG C 102 -6.01 4.65 -8.18
C ARG C 102 -6.70 5.36 -9.33
N GLY C 103 -6.64 6.70 -9.33
CA GLY C 103 -7.21 7.50 -10.39
C GLY C 103 -8.72 7.64 -10.26
N HIS C 104 -9.30 8.45 -11.16
CA HIS C 104 -10.74 8.67 -11.12
C HIS C 104 -11.50 7.38 -11.41
N LYS C 105 -11.08 6.64 -12.46
CA LYS C 105 -11.71 5.38 -12.82
C LYS C 105 -11.71 4.38 -11.67
N GLY C 106 -10.52 4.10 -11.10
CA GLY C 106 -10.42 3.16 -10.01
C GLY C 106 -11.15 3.60 -8.74
N ASP C 107 -11.27 4.91 -8.51
CA ASP C 107 -12.11 5.34 -7.40
C ASP C 107 -13.55 4.91 -7.64
N ARG C 108 -13.99 5.06 -8.89
CA ARG C 108 -15.35 4.71 -9.25
C ARG C 108 -15.59 3.21 -9.08
N LEU C 109 -14.60 2.39 -9.45
CA LEU C 109 -14.76 0.95 -9.33
C LEU C 109 -14.82 0.53 -7.87
N VAL C 110 -14.06 1.19 -7.00
CA VAL C 110 -14.14 0.84 -5.59
C VAL C 110 -15.55 1.14 -5.08
N SER C 111 -16.05 2.32 -5.42
CA SER C 111 -17.40 2.69 -5.04
C SER C 111 -18.40 1.64 -5.53
N GLN C 112 -18.24 1.21 -6.78
CA GLN C 112 -19.15 0.21 -7.34
C GLN C 112 -19.09 -1.09 -6.57
N LEU C 113 -17.87 -1.57 -6.27
CA LEU C 113 -17.72 -2.78 -5.49
C LEU C 113 -18.36 -2.62 -4.11
N LYS C 114 -18.20 -1.45 -3.50
CA LYS C 114 -18.78 -1.25 -2.17
C LYS C 114 -20.30 -1.30 -2.25
N TRP C 115 -20.87 -0.68 -3.28
CA TRP C 115 -22.29 -0.81 -3.54
C TRP C 115 -22.72 -2.26 -3.63
N PHE C 116 -21.93 -3.09 -4.32
CA PHE C 116 -22.24 -4.51 -4.34
C PHE C 116 -22.38 -5.06 -2.91
N LEU C 117 -21.42 -4.75 -2.02
CA LEU C 117 -21.51 -5.25 -0.65
C LEU C 117 -22.66 -4.63 0.10
N GLU C 118 -22.96 -3.36 -0.20
CA GLU C 118 -24.11 -2.72 0.43
C GLU C 118 -25.42 -3.36 -0.02
N ASP C 119 -25.59 -3.58 -1.33
CA ASP C 119 -26.84 -4.23 -1.77
C ASP C 119 -26.93 -5.64 -1.24
N GLU C 120 -25.84 -6.39 -1.26
CA GLU C 120 -25.89 -7.71 -0.66
C GLU C 120 -26.25 -7.62 0.82
N LYS C 121 -25.89 -6.52 1.52
CA LYS C 121 -26.14 -6.43 2.96
C LYS C 121 -27.60 -6.10 3.28
N ARG C 122 -28.15 -5.08 2.62
CA ARG C 122 -29.58 -4.82 2.73
C ARG C 122 -30.39 -6.11 2.52
N ALA C 123 -30.08 -6.89 1.47
CA ALA C 123 -30.89 -8.06 1.16
C ALA C 123 -30.81 -9.12 2.26
N ILE C 124 -29.68 -9.28 2.93
CA ILE C 124 -29.61 -10.27 4.00
C ILE C 124 -30.53 -9.88 5.16
N GLY C 125 -30.64 -8.58 5.42
CA GLY C 125 -31.54 -8.00 6.42
C GLY C 125 -30.89 -7.84 7.78
N HIS C 126 -31.48 -6.94 8.58
CA HIS C 126 -30.97 -6.71 9.93
C HIS C 126 -31.14 -7.93 10.81
N ASP C 127 -31.98 -8.86 10.37
CA ASP C 127 -32.46 -9.99 11.14
C ASP C 127 -32.00 -11.31 10.56
N HIS C 128 -31.28 -11.29 9.43
CA HIS C 128 -30.69 -12.45 8.76
C HIS C 128 -31.71 -13.32 8.03
N LYS C 129 -32.97 -12.89 7.93
CA LYS C 129 -34.04 -13.65 7.26
C LYS C 129 -33.95 -13.45 5.74
N GLY C 130 -32.80 -13.80 5.18
CA GLY C 130 -32.51 -13.46 3.80
C GLY C 130 -31.15 -13.93 3.31
N HIS C 131 -31.04 -14.17 2.03
CA HIS C 131 -29.81 -14.68 1.45
C HIS C 131 -29.22 -13.64 0.52
N PRO C 132 -27.89 -13.59 0.41
CA PRO C 132 -27.27 -12.77 -0.63
C PRO C 132 -27.67 -13.23 -2.03
N HIS C 133 -27.78 -12.25 -2.94
CA HIS C 133 -28.18 -12.55 -4.31
C HIS C 133 -27.16 -13.44 -5.00
N THR C 134 -25.88 -13.21 -4.75
CA THR C 134 -24.84 -14.09 -5.27
C THR C 134 -24.58 -15.22 -4.29
N SER C 135 -23.49 -15.15 -3.55
CA SER C 135 -23.20 -16.10 -2.49
C SER C 135 -22.31 -15.44 -1.46
N TYR C 136 -22.29 -15.99 -0.26
CA TYR C 136 -21.36 -15.51 0.75
C TYR C 136 -19.91 -15.61 0.27
N TYR C 137 -19.62 -16.53 -0.64
CA TYR C 137 -18.29 -16.59 -1.22
C TYR C 137 -17.93 -15.29 -1.92
N GLN C 138 -18.80 -14.82 -2.80
CA GLN C 138 -18.55 -13.50 -3.35
C GLN C 138 -18.61 -12.42 -2.27
N TYR C 139 -19.35 -12.66 -1.18
CA TYR C 139 -19.39 -11.64 -0.14
C TYR C 139 -18.03 -11.44 0.48
N GLY C 140 -17.43 -12.53 0.99
CA GLY C 140 -16.08 -12.44 1.53
C GLY C 140 -15.07 -12.01 0.49
N LEU C 141 -15.19 -12.52 -0.72
CA LEU C 141 -14.30 -12.11 -1.80
C LEU C 141 -14.28 -10.60 -1.94
N GLY C 142 -15.45 -9.97 -1.90
CA GLY C 142 -15.49 -8.53 -2.02
C GLY C 142 -14.80 -7.82 -0.87
N ILE C 143 -14.79 -8.41 0.30
CA ILE C 143 -14.20 -7.72 1.43
C ILE C 143 -12.69 -7.84 1.36
N LEU C 144 -12.23 -9.06 1.05
CA LEU C 144 -10.80 -9.31 0.86
C LEU C 144 -10.24 -8.47 -0.28
N ALA C 145 -10.94 -8.41 -1.41
CA ALA C 145 -10.43 -7.57 -2.48
C ALA C 145 -10.23 -6.15 -1.97
N LEU C 146 -11.21 -5.62 -1.27
CA LEU C 146 -11.14 -4.23 -0.82
C LEU C 146 -10.03 -4.02 0.20
N CYS C 147 -10.03 -4.85 1.24
CA CYS C 147 -8.98 -4.82 2.25
C CYS C 147 -7.61 -4.82 1.60
N LEU C 148 -7.46 -5.59 0.50
CA LEU C 148 -6.18 -5.71 -0.19
C LEU C 148 -5.72 -4.39 -0.78
N HIS C 149 -6.61 -3.47 -1.07
CA HIS C 149 -6.17 -2.13 -1.45
C HIS C 149 -6.33 -1.12 -0.34
N GLN C 150 -6.40 -1.59 0.93
CA GLN C 150 -6.51 -0.71 2.10
C GLN C 150 -7.73 0.20 2.01
N LYS C 151 -8.80 -0.35 1.43
CA LYS C 151 -10.10 0.32 1.38
C LYS C 151 -10.99 -0.29 2.45
N ARG C 152 -11.58 0.56 3.29
CA ARG C 152 -12.35 0.11 4.43
C ARG C 152 -13.80 -0.18 4.10
N VAL C 153 -14.38 -1.16 4.79
CA VAL C 153 -15.81 -1.40 4.73
C VAL C 153 -16.36 -1.27 6.14
N HIS C 154 -17.55 -0.68 6.23
CA HIS C 154 -18.18 -0.47 7.53
C HIS C 154 -18.30 -1.77 8.30
N ASP C 155 -18.39 -1.66 9.63
CA ASP C 155 -18.59 -2.84 10.46
C ASP C 155 -19.89 -3.54 10.14
N SER C 156 -20.93 -2.77 9.77
CA SER C 156 -22.20 -3.38 9.42
C SER C 156 -22.02 -4.40 8.31
N VAL C 157 -21.18 -4.08 7.33
CA VAL C 157 -20.91 -5.04 6.26
C VAL C 157 -20.18 -6.26 6.80
N VAL C 158 -19.13 -6.05 7.58
CA VAL C 158 -18.38 -7.19 8.09
C VAL C 158 -19.30 -8.07 8.94
N ASP C 159 -20.18 -7.43 9.73
CA ASP C 159 -21.13 -8.13 10.60
C ASP C 159 -21.82 -9.33 9.90
N LYS C 160 -22.37 -9.12 8.70
CA LYS C 160 -23.07 -10.18 7.97
C LYS C 160 -22.18 -11.40 7.72
N LEU C 161 -20.99 -11.19 7.17
CA LEU C 161 -20.05 -12.31 7.04
C LEU C 161 -19.74 -12.94 8.38
N LEU C 162 -19.70 -12.14 9.45
CA LEU C 162 -19.46 -12.76 10.75
C LEU C 162 -20.63 -13.65 11.16
N TYR C 163 -21.87 -13.19 10.92
CA TYR C 163 -23.00 -14.03 11.30
C TYR C 163 -23.03 -15.32 10.51
N ALA C 164 -22.60 -15.28 9.25
CA ALA C 164 -22.67 -16.44 8.39
C ALA C 164 -21.76 -17.60 8.82
N VAL C 165 -20.79 -17.39 9.71
CA VAL C 165 -19.88 -18.49 10.08
C VAL C 165 -19.97 -18.87 11.55
N GLU C 166 -20.64 -18.07 12.38
CA GLU C 166 -20.95 -18.42 13.77
C GLU C 166 -22.23 -19.26 13.79
N PRO C 167 -22.78 -19.59 14.99
CA PRO C 167 -23.98 -20.45 14.89
C PRO C 167 -25.34 -19.74 15.16
N HIS C 172 -25.18 -24.91 7.03
CA HIS C 172 -23.84 -25.38 6.63
C HIS C 172 -23.35 -24.70 5.35
N HIS C 173 -22.04 -24.72 5.14
CA HIS C 173 -21.42 -24.09 3.97
C HIS C 173 -20.27 -24.95 3.47
N SER C 174 -20.03 -24.90 2.16
CA SER C 174 -18.91 -25.67 1.64
C SER C 174 -17.60 -25.11 2.18
N VAL C 175 -16.53 -25.89 2.01
CA VAL C 175 -15.24 -25.47 2.53
C VAL C 175 -14.70 -24.29 1.74
N ASP C 176 -15.07 -24.16 0.48
CA ASP C 176 -14.59 -22.99 -0.27
C ASP C 176 -15.19 -21.72 0.29
N THR C 177 -16.44 -21.77 0.75
CA THR C 177 -17.04 -20.56 1.31
C THR C 177 -16.38 -20.16 2.63
N ALA C 178 -16.15 -21.12 3.52
CA ALA C 178 -15.49 -20.80 4.77
C ALA C 178 -14.06 -20.28 4.52
N ALA C 179 -13.31 -20.96 3.65
CA ALA C 179 -11.92 -20.55 3.44
C ALA C 179 -11.84 -19.15 2.87
N MET C 180 -12.69 -18.82 1.90
CA MET C 180 -12.71 -17.45 1.43
C MET C 180 -13.01 -16.48 2.57
N ALA C 181 -14.03 -16.80 3.38
CA ALA C 181 -14.30 -15.96 4.55
C ALA C 181 -13.04 -15.83 5.41
N GLY C 182 -12.35 -16.96 5.63
CA GLY C 182 -11.07 -16.92 6.32
C GLY C 182 -10.11 -15.92 5.72
N LEU C 183 -9.95 -15.94 4.39
CA LEU C 183 -9.01 -15.03 3.77
C LEU C 183 -9.42 -13.57 4.00
N ALA C 184 -10.72 -13.28 3.97
CA ALA C 184 -11.18 -11.92 4.21
C ALA C 184 -10.93 -11.53 5.66
N PHE C 185 -11.37 -12.36 6.60
CA PHE C 185 -11.10 -12.10 8.00
C PHE C 185 -9.62 -11.92 8.26
N THR C 186 -8.79 -12.76 7.64
CA THR C 186 -7.36 -12.64 7.91
C THR C 186 -6.81 -11.33 7.38
N CYS C 187 -7.22 -10.92 6.19
CA CYS C 187 -6.78 -9.63 5.71
C CYS C 187 -7.21 -8.52 6.66
N LEU C 188 -8.46 -8.58 7.15
CA LEU C 188 -8.92 -7.53 8.05
C LEU C 188 -8.05 -7.45 9.32
N LYS C 189 -7.80 -8.59 9.96
CA LYS C 189 -7.02 -8.60 11.20
C LYS C 189 -5.59 -8.13 10.95
N ARG C 190 -4.92 -8.63 9.89
CA ARG C 190 -3.54 -8.19 9.64
C ARG C 190 -3.46 -6.70 9.38
N SER C 191 -4.51 -6.12 8.80
CA SER C 191 -4.49 -4.70 8.49
C SER C 191 -4.99 -3.86 9.66
N ASN C 192 -5.36 -4.50 10.76
CA ASN C 192 -6.08 -3.82 11.83
C ASN C 192 -7.28 -3.06 11.27
N PHE C 193 -7.87 -3.57 10.21
CA PHE C 193 -9.11 -2.96 9.80
C PHE C 193 -10.24 -3.45 10.68
N ASN C 194 -11.34 -2.70 10.66
CA ASN C 194 -12.53 -3.00 11.44
C ASN C 194 -12.17 -3.38 12.87
N PRO C 195 -11.39 -2.56 13.60
CA PRO C 195 -11.23 -2.83 15.04
C PRO C 195 -12.60 -2.67 15.67
N GLY C 196 -12.80 -3.33 16.80
CA GLY C 196 -14.16 -3.38 17.30
C GLY C 196 -14.97 -4.48 16.69
N ARG C 197 -14.42 -5.17 15.70
CA ARG C 197 -14.81 -6.55 15.48
C ARG C 197 -13.62 -7.49 15.66
N ARG C 198 -12.46 -6.95 16.09
CA ARG C 198 -11.27 -7.79 16.16
C ARG C 198 -11.52 -9.03 17.01
N GLN C 199 -12.17 -8.87 18.16
CA GLN C 199 -12.49 -10.06 18.96
C GLN C 199 -13.41 -11.01 18.19
N ARG C 200 -14.44 -10.49 17.51
CA ARG C 200 -15.30 -11.40 16.77
C ARG C 200 -14.56 -11.98 15.57
N ILE C 201 -13.72 -11.18 14.93
CA ILE C 201 -12.98 -11.67 13.78
C ILE C 201 -12.02 -12.76 14.23
N THR C 202 -11.36 -12.55 15.37
CA THR C 202 -10.44 -13.56 15.90
C THR C 202 -11.18 -14.84 16.23
N MET C 203 -12.42 -14.73 16.69
CA MET C 203 -13.17 -15.95 16.97
C MET C 203 -13.71 -16.56 15.70
N ALA C 204 -14.03 -15.74 14.71
CA ALA C 204 -14.44 -16.28 13.41
C ALA C 204 -13.31 -17.08 12.79
N ILE C 205 -12.10 -16.53 12.81
CA ILE C 205 -10.94 -17.19 12.22
C ILE C 205 -10.70 -18.53 12.90
N ARG C 206 -10.79 -18.55 14.23
CA ARG C 206 -10.77 -19.81 14.95
C ARG C 206 -11.79 -20.79 14.39
N THR C 207 -13.06 -20.36 14.28
CA THR C 207 -14.10 -21.34 13.95
C THR C 207 -13.92 -21.87 12.53
N VAL C 208 -13.52 -21.01 11.59
CA VAL C 208 -13.31 -21.50 10.22
C VAL C 208 -12.16 -22.51 10.18
N GLN C 209 -11.10 -22.29 10.98
CA GLN C 209 -10.04 -23.30 11.14
C GLN C 209 -10.62 -24.66 11.47
N GLU C 210 -11.51 -24.71 12.46
CA GLU C 210 -12.11 -25.98 12.86
C GLU C 210 -13.10 -26.49 11.82
N GLU C 211 -13.85 -25.61 11.17
CA GLU C 211 -14.82 -26.06 10.18
C GLU C 211 -14.13 -26.73 9.00
N ILE C 212 -12.95 -26.24 8.62
CA ILE C 212 -12.26 -26.84 7.49
C ILE C 212 -11.61 -28.16 7.90
N LEU C 213 -11.06 -28.22 9.12
CA LEU C 213 -10.46 -29.47 9.59
C LEU C 213 -11.52 -30.55 9.74
N LYS C 214 -12.73 -30.17 10.16
CA LYS C 214 -13.85 -31.10 10.25
C LYS C 214 -14.23 -31.69 8.91
N ALA C 215 -13.90 -31.03 7.82
CA ALA C 215 -14.27 -31.51 6.49
C ALA C 215 -13.23 -32.44 5.88
N GLN C 216 -12.12 -32.67 6.56
CA GLN C 216 -11.08 -33.52 6.01
C GLN C 216 -11.62 -34.92 5.85
N THR C 217 -11.54 -35.42 4.64
CA THR C 217 -12.02 -36.75 4.31
C THR C 217 -10.96 -37.76 4.71
N PRO C 218 -11.31 -39.05 4.72
CA PRO C 218 -10.26 -40.06 4.85
C PRO C 218 -9.14 -39.92 3.81
N GLU C 219 -9.48 -39.60 2.55
CA GLU C 219 -8.44 -39.52 1.53
C GLU C 219 -7.49 -38.35 1.73
N GLY C 220 -7.72 -37.50 2.73
CA GLY C 220 -6.84 -36.39 3.04
C GLY C 220 -7.31 -35.03 2.56
N HIS C 221 -8.33 -34.95 1.72
CA HIS C 221 -8.73 -33.67 1.15
C HIS C 221 -9.61 -32.88 2.14
N PHE C 222 -9.78 -31.60 1.83
CA PHE C 222 -10.61 -30.68 2.61
C PHE C 222 -11.90 -30.42 1.85
N GLY C 223 -12.95 -31.20 2.19
CA GLY C 223 -14.14 -31.26 1.38
C GLY C 223 -13.94 -32.15 0.17
N ASN C 224 -13.50 -31.58 -0.95
CA ASN C 224 -13.13 -32.37 -2.11
C ASN C 224 -11.79 -31.89 -2.66
N VAL C 225 -11.30 -32.55 -3.71
CA VAL C 225 -10.00 -32.23 -4.27
C VAL C 225 -9.94 -30.76 -4.67
N TYR C 226 -11.01 -30.23 -5.26
CA TYR C 226 -10.96 -28.87 -5.75
C TYR C 226 -11.12 -27.83 -4.65
N SER C 227 -11.60 -28.25 -3.47
CA SER C 227 -11.71 -27.34 -2.35
C SER C 227 -10.39 -27.22 -1.62
N THR C 228 -9.56 -28.26 -1.68
CA THR C 228 -8.31 -28.26 -0.94
C THR C 228 -7.39 -27.09 -1.28
N PRO C 229 -7.30 -26.60 -2.53
CA PRO C 229 -6.44 -25.43 -2.77
C PRO C 229 -6.78 -24.24 -1.89
N LEU C 230 -8.05 -23.81 -1.92
CA LEU C 230 -8.44 -22.61 -1.19
C LEU C 230 -8.35 -22.82 0.30
N ALA C 231 -8.62 -24.02 0.78
CA ALA C 231 -8.44 -24.29 2.20
C ALA C 231 -6.98 -24.19 2.59
N LEU C 232 -6.08 -24.75 1.78
CA LEU C 232 -4.66 -24.66 2.05
C LEU C 232 -4.19 -23.22 2.13
N GLN C 233 -4.59 -22.39 1.16
CA GLN C 233 -4.31 -20.95 1.23
C GLN C 233 -4.71 -20.39 2.58
N PHE C 234 -5.96 -20.64 3.01
CA PHE C 234 -6.41 -20.09 4.28
C PHE C 234 -5.57 -20.63 5.44
N LEU C 235 -5.50 -21.95 5.58
CA LEU C 235 -4.79 -22.53 6.73
C LEU C 235 -3.32 -22.10 6.76
N MET C 236 -2.75 -21.73 5.62
CA MET C 236 -1.35 -21.35 5.59
C MET C 236 -1.11 -19.99 6.28
N THR C 237 -2.16 -19.23 6.56
CA THR C 237 -2.01 -17.89 7.13
C THR C 237 -2.21 -17.82 8.64
N SER C 238 -2.81 -18.82 9.27
CA SER C 238 -3.06 -18.67 10.70
C SER C 238 -2.63 -19.90 11.51
N PRO C 239 -1.60 -19.78 12.35
CA PRO C 239 -1.11 -20.97 13.06
C PRO C 239 -2.03 -21.34 14.21
N MET C 240 -1.73 -22.49 14.81
CA MET C 240 -2.50 -23.05 15.92
C MET C 240 -1.58 -23.91 16.79
N ALA C 243 -3.84 -27.83 17.27
CA ALA C 243 -3.91 -29.10 16.57
C ALA C 243 -2.81 -29.22 15.52
N GLU C 244 -2.90 -30.27 14.72
CA GLU C 244 -1.79 -30.72 13.90
C GLU C 244 -2.18 -30.51 12.46
N LEU C 245 -2.14 -29.26 12.02
CA LEU C 245 -2.30 -28.99 10.60
C LEU C 245 -1.07 -29.45 9.82
N GLY C 246 0.12 -29.39 10.44
CA GLY C 246 1.26 -30.10 9.90
C GLY C 246 0.92 -31.52 9.50
N THR C 247 0.07 -32.19 10.29
CA THR C 247 -0.49 -33.47 9.84
C THR C 247 -1.52 -33.26 8.75
N ALA C 248 -2.52 -32.42 9.04
CA ALA C 248 -3.63 -32.27 8.09
C ALA C 248 -3.15 -31.85 6.71
N CYS C 249 -2.12 -31.00 6.65
CA CYS C 249 -1.63 -30.52 5.37
C CYS C 249 -0.74 -31.55 4.67
N LEU C 250 0.01 -32.35 5.43
CA LEU C 250 0.71 -33.46 4.81
C LEU C 250 -0.23 -34.59 4.44
N LYS C 251 -1.39 -34.69 5.09
CA LYS C 251 -2.48 -35.47 4.52
C LYS C 251 -2.97 -34.81 3.23
N ALA C 252 -3.12 -33.49 3.27
CA ALA C 252 -3.49 -32.74 2.07
C ALA C 252 -2.44 -32.89 0.96
N ARG C 253 -1.16 -32.69 1.29
CA ARG C 253 -0.09 -32.92 0.30
C ARG C 253 -0.31 -34.24 -0.41
N VAL C 254 -0.32 -35.34 0.35
CA VAL C 254 -0.53 -36.67 -0.24
C VAL C 254 -1.78 -36.68 -1.11
N ALA C 255 -2.83 -35.98 -0.68
CA ALA C 255 -4.09 -36.03 -1.43
C ALA C 255 -3.97 -35.27 -2.76
N LEU C 256 -3.11 -34.24 -2.82
CA LEU C 256 -2.89 -33.52 -4.06
C LEU C 256 -2.02 -34.31 -5.02
N LEU C 257 -0.93 -34.89 -4.51
CA LEU C 257 -0.14 -35.83 -5.27
C LEU C 257 -1.09 -36.78 -5.97
N ALA C 258 -1.83 -37.55 -5.18
CA ALA C 258 -2.76 -38.51 -5.73
C ALA C 258 -3.56 -37.88 -6.87
N SER C 259 -4.21 -36.77 -6.58
CA SER C 259 -5.11 -36.20 -7.61
C SER C 259 -4.35 -35.64 -8.82
N LEU C 260 -3.25 -34.92 -8.62
CA LEU C 260 -2.53 -34.28 -9.76
C LEU C 260 -2.00 -35.36 -10.71
N GLN C 261 -1.49 -36.46 -10.19
CA GLN C 261 -0.95 -37.59 -11.00
C GLN C 261 -2.07 -38.15 -11.86
N ASP C 262 -3.29 -38.16 -11.34
CA ASP C 262 -4.46 -38.78 -12.02
C ASP C 262 -5.11 -37.73 -12.92
N GLY C 263 -4.46 -36.58 -13.13
CA GLY C 263 -4.98 -35.51 -13.99
C GLY C 263 -6.26 -34.86 -13.51
N ALA C 264 -6.40 -34.72 -12.19
CA ALA C 264 -7.56 -34.01 -11.61
C ALA C 264 -7.57 -32.53 -12.00
N PHE C 265 -6.42 -31.87 -12.06
CA PHE C 265 -6.53 -30.41 -12.32
C PHE C 265 -6.42 -30.16 -13.82
N GLN C 266 -7.51 -29.71 -14.42
CA GLN C 266 -7.58 -29.48 -15.87
C GLN C 266 -8.30 -28.17 -16.10
N ASN C 267 -9.30 -27.86 -15.26
CA ASN C 267 -9.95 -26.57 -15.37
C ASN C 267 -8.98 -25.43 -15.07
N ALA C 268 -9.02 -24.40 -15.92
CA ALA C 268 -8.11 -23.27 -15.78
C ALA C 268 -8.17 -22.69 -14.37
N LEU C 269 -9.36 -22.26 -13.96
CA LEU C 269 -9.50 -21.57 -12.69
C LEU C 269 -8.90 -22.41 -11.56
N MET C 270 -9.21 -23.70 -11.52
CA MET C 270 -8.71 -24.55 -10.45
C MET C 270 -7.19 -24.56 -10.42
N ILE C 271 -6.55 -24.61 -11.59
CA ILE C 271 -5.10 -24.47 -11.62
C ILE C 271 -4.69 -23.11 -11.04
N SER C 272 -5.39 -22.05 -11.45
CA SER C 272 -5.06 -20.72 -10.98
C SER C 272 -5.23 -20.60 -9.46
N GLN C 273 -6.15 -21.35 -8.86
CA GLN C 273 -6.16 -21.37 -7.40
C GLN C 273 -5.02 -22.22 -6.84
N LEU C 274 -4.47 -23.15 -7.62
CA LEU C 274 -3.58 -24.14 -7.01
C LEU C 274 -2.13 -23.70 -7.10
N LEU C 275 -1.65 -23.39 -8.30
CA LEU C 275 -0.32 -22.82 -8.49
C LEU C 275 0.14 -21.91 -7.35
N PRO C 276 -0.65 -20.96 -6.84
CA PRO C 276 -0.20 -20.26 -5.62
C PRO C 276 0.20 -21.21 -4.50
N VAL C 277 -0.68 -22.12 -4.08
CA VAL C 277 -0.30 -23.00 -2.98
C VAL C 277 0.97 -23.79 -3.29
N LEU C 278 1.35 -23.89 -4.56
CA LEU C 278 2.53 -24.66 -4.93
C LEU C 278 3.82 -23.86 -4.86
N ASN C 279 3.72 -22.54 -5.01
CA ASN C 279 4.85 -21.61 -4.89
C ASN C 279 4.91 -20.97 -3.50
N HIS C 280 4.14 -21.49 -2.54
CA HIS C 280 4.13 -21.07 -1.13
C HIS C 280 3.45 -19.71 -0.94
N LYS C 281 2.51 -19.34 -1.80
CA LYS C 281 1.85 -18.05 -1.66
C LYS C 281 0.34 -18.22 -1.47
N THR C 282 -0.30 -17.21 -0.86
CA THR C 282 -1.76 -17.13 -0.79
C THR C 282 -2.18 -15.76 -1.29
N TYR C 283 -3.50 -15.54 -1.40
CA TYR C 283 -3.99 -14.23 -1.81
C TYR C 283 -3.56 -13.15 -0.84
N ILE C 284 -3.38 -13.52 0.43
CA ILE C 284 -2.94 -12.56 1.45
C ILE C 284 -1.59 -11.95 1.07
N ASP C 285 -0.74 -12.71 0.36
CA ASP C 285 0.54 -12.14 -0.06
C ASP C 285 0.39 -10.88 -0.90
N LEU C 286 -0.76 -10.65 -1.49
CA LEU C 286 -1.00 -9.47 -2.32
C LEU C 286 -1.06 -8.17 -1.51
N ILE C 287 -1.02 -8.24 -0.17
CA ILE C 287 -0.70 -7.04 0.62
C ILE C 287 0.69 -6.52 0.26
N PHE C 288 1.69 -7.42 0.24
CA PHE C 288 3.07 -7.07 -0.04
C PHE C 288 3.50 -7.84 -1.27
N PRO C 289 3.05 -7.45 -2.46
CA PRO C 289 3.41 -8.19 -3.66
C PRO C 289 4.92 -8.18 -3.88
N ASP C 290 5.39 -9.19 -4.63
CA ASP C 290 6.80 -9.42 -4.93
C ASP C 290 6.89 -9.60 -6.47
N CYS C 291 6.56 -8.53 -7.19
CA CYS C 291 6.27 -8.59 -8.61
C CYS C 291 7.43 -9.15 -9.42
N LEU C 292 8.68 -8.87 -9.03
CA LEU C 292 9.83 -9.28 -9.81
C LEU C 292 10.49 -10.56 -9.31
N ALA C 293 9.85 -11.30 -8.40
CA ALA C 293 10.37 -12.61 -8.06
C ALA C 293 10.51 -13.44 -9.33
N PRO C 294 11.60 -14.17 -9.50
CA PRO C 294 11.87 -14.76 -10.81
C PRO C 294 11.01 -16.00 -11.02
N ARG C 295 10.66 -16.21 -12.28
CA ARG C 295 9.72 -17.26 -12.62
C ARG C 295 10.10 -17.93 -13.95
N VAL C 296 9.90 -19.24 -14.00
CA VAL C 296 10.28 -20.06 -15.14
C VAL C 296 9.34 -19.80 -16.31
N MET C 297 9.92 -19.56 -17.49
CA MET C 297 9.19 -19.15 -18.68
C MET C 297 8.51 -20.35 -19.31
N LEU C 298 7.19 -20.29 -19.48
CA LEU C 298 6.43 -21.43 -19.98
C LEU C 298 6.59 -21.57 -21.50
N GLU C 299 6.88 -22.80 -21.96
CA GLU C 299 6.91 -23.13 -23.40
C GLU C 299 5.69 -23.97 -23.76
N PRO C 300 5.10 -23.75 -24.96
CA PRO C 300 3.82 -24.38 -25.35
C PRO C 300 3.76 -25.90 -25.17
N ALA C 302 4.82 -29.08 -28.83
CA ALA C 302 4.22 -30.13 -27.99
C ALA C 302 2.86 -30.57 -28.52
N GLU C 303 2.77 -30.80 -29.83
CA GLU C 303 1.49 -31.09 -30.46
C GLU C 303 1.11 -32.55 -30.26
N THR C 304 -0.10 -32.78 -29.74
CA THR C 304 -0.63 -34.13 -29.60
C THR C 304 -0.97 -34.72 -30.97
N ILE C 305 -0.71 -36.02 -31.14
CA ILE C 305 -1.16 -36.70 -32.35
C ILE C 305 -2.62 -37.06 -32.15
N PRO C 306 -3.48 -36.88 -33.17
CA PRO C 306 -4.84 -37.43 -33.04
C PRO C 306 -4.85 -38.96 -33.13
N GLN C 309 -11.70 -41.88 -35.09
CA GLN C 309 -11.27 -42.43 -33.80
C GLN C 309 -12.38 -43.18 -33.05
N GLU C 310 -12.08 -43.49 -31.78
CA GLU C 310 -12.92 -44.33 -30.94
C GLU C 310 -14.24 -43.64 -30.63
N ILE C 311 -15.36 -44.33 -30.85
CA ILE C 311 -16.69 -43.78 -30.62
C ILE C 311 -17.21 -44.32 -29.31
N ILE C 312 -17.94 -43.45 -28.59
CA ILE C 312 -18.45 -43.77 -27.27
C ILE C 312 -19.92 -43.35 -27.18
N SER C 313 -20.67 -44.06 -26.35
CA SER C 313 -22.09 -43.84 -26.17
C SER C 313 -22.30 -43.45 -24.72
N VAL C 314 -23.03 -42.36 -24.50
CA VAL C 314 -23.28 -41.85 -23.16
C VAL C 314 -24.74 -41.42 -23.05
N THR C 315 -25.35 -41.72 -21.91
CA THR C 315 -26.78 -41.55 -21.71
C THR C 315 -27.09 -40.33 -20.86
N LEU C 316 -27.96 -39.47 -21.38
CA LEU C 316 -28.32 -38.17 -20.85
C LEU C 316 -29.80 -38.16 -20.45
N GLN C 317 -30.09 -37.97 -19.15
CA GLN C 317 -31.45 -38.00 -18.62
C GLN C 317 -31.79 -36.77 -17.79
N VAL C 318 -32.88 -36.09 -18.16
CA VAL C 318 -33.53 -35.07 -17.35
C VAL C 318 -34.86 -35.63 -16.85
N LEU C 319 -35.05 -35.64 -15.53
CA LEU C 319 -36.29 -36.10 -14.91
C LEU C 319 -37.16 -34.99 -14.36
N SER C 320 -36.57 -33.86 -13.96
CA SER C 320 -37.35 -32.83 -13.30
C SER C 320 -38.45 -32.27 -14.19
N LEU C 321 -38.42 -32.56 -15.49
CA LEU C 321 -39.52 -32.22 -16.38
C LEU C 321 -40.24 -33.51 -16.81
N LEU C 322 -41.43 -33.36 -17.38
CA LEU C 322 -42.19 -34.54 -17.77
C LEU C 322 -42.78 -34.38 -19.16
N PRO C 323 -42.91 -35.50 -19.94
CA PRO C 323 -42.50 -36.87 -19.62
C PRO C 323 -40.97 -36.99 -19.48
N PRO C 324 -40.49 -37.90 -18.62
CA PRO C 324 -39.04 -37.94 -18.36
C PRO C 324 -38.23 -38.01 -19.64
N TYR C 325 -36.97 -37.64 -19.58
CA TYR C 325 -36.12 -37.65 -20.78
C TYR C 325 -34.92 -38.57 -20.57
N ARG C 326 -34.62 -39.37 -21.58
CA ARG C 326 -33.52 -40.33 -21.57
C ARG C 326 -33.21 -40.70 -23.01
N GLN C 327 -31.97 -40.45 -23.43
CA GLN C 327 -31.50 -40.78 -24.76
C GLN C 327 -30.04 -41.17 -24.66
N SER C 328 -29.67 -42.26 -25.33
CA SER C 328 -28.27 -42.62 -25.41
C SER C 328 -27.67 -41.90 -26.60
N ILE C 329 -26.54 -41.25 -26.37
CA ILE C 329 -25.96 -40.26 -27.26
C ILE C 329 -24.60 -40.77 -27.69
N SER C 330 -24.35 -40.80 -29.00
CA SER C 330 -23.09 -41.29 -29.53
C SER C 330 -22.13 -40.13 -29.83
N VAL C 331 -20.89 -40.26 -29.38
CA VAL C 331 -19.98 -39.12 -29.34
C VAL C 331 -18.54 -39.64 -29.24
N LEU C 332 -17.57 -38.81 -29.65
CA LEU C 332 -16.20 -39.25 -29.77
C LEU C 332 -15.55 -39.47 -28.42
N ALA C 333 -14.73 -40.52 -28.32
CA ALA C 333 -14.24 -40.93 -27.01
C ALA C 333 -13.40 -39.83 -26.37
N GLY C 334 -13.58 -39.67 -25.06
CA GLY C 334 -13.03 -38.53 -24.37
C GLY C 334 -13.62 -37.20 -24.80
N SER C 335 -14.87 -37.18 -25.25
CA SER C 335 -15.57 -35.91 -25.39
C SER C 335 -15.95 -35.39 -24.01
N THR C 336 -16.62 -34.23 -23.96
CA THR C 336 -17.08 -33.68 -22.69
C THR C 336 -18.59 -33.76 -22.57
N VAL C 337 -19.07 -33.71 -21.31
CA VAL C 337 -20.51 -33.61 -21.08
C VAL C 337 -21.10 -32.51 -21.96
N GLU C 338 -20.35 -31.44 -22.18
CA GLU C 338 -20.88 -30.37 -23.01
C GLU C 338 -21.08 -30.88 -24.44
N ASP C 339 -20.17 -31.70 -24.95
CA ASP C 339 -20.28 -32.22 -26.30
C ASP C 339 -21.52 -33.07 -26.48
N VAL C 340 -21.73 -34.01 -25.55
CA VAL C 340 -22.99 -34.72 -25.40
C VAL C 340 -24.17 -33.77 -25.53
N LEU C 341 -24.18 -32.71 -24.72
CA LEU C 341 -25.26 -31.73 -24.80
C LEU C 341 -25.40 -31.14 -26.20
N LYS C 342 -24.27 -30.81 -26.85
CA LYS C 342 -24.34 -30.31 -28.22
C LYS C 342 -24.94 -31.34 -29.15
N LYS C 343 -24.60 -32.62 -28.95
CA LYS C 343 -25.10 -33.66 -29.83
C LYS C 343 -26.59 -33.86 -29.66
N ALA C 344 -27.06 -33.90 -28.41
CA ALA C 344 -28.48 -34.08 -28.15
C ALA C 344 -29.27 -32.98 -28.83
N HIS C 345 -28.76 -31.77 -28.79
CA HIS C 345 -29.49 -30.69 -29.44
C HIS C 345 -29.54 -30.89 -30.94
N GLU C 346 -28.53 -31.55 -31.52
CA GLU C 346 -28.50 -31.75 -32.97
C GLU C 346 -29.51 -32.80 -33.39
N LEU C 347 -29.68 -33.84 -32.59
CA LEU C 347 -30.71 -34.85 -32.71
C LEU C 347 -32.12 -34.29 -32.47
N GLY C 348 -32.28 -33.01 -32.20
CA GLY C 348 -33.58 -32.43 -31.90
C GLY C 348 -34.15 -32.88 -30.57
N GLY C 349 -35.15 -32.15 -30.08
CA GLY C 349 -35.86 -32.54 -28.88
C GLY C 349 -35.13 -32.28 -27.58
N PHE C 350 -33.94 -31.72 -27.61
CA PHE C 350 -33.22 -31.34 -26.39
C PHE C 350 -32.72 -29.91 -26.56
N THR C 351 -33.03 -29.05 -25.58
CA THR C 351 -32.48 -27.72 -25.57
C THR C 351 -31.89 -27.39 -24.20
N TYR C 352 -30.95 -26.45 -24.21
CA TYR C 352 -30.19 -26.05 -23.04
C TYR C 352 -29.52 -24.71 -23.33
N GLU C 353 -29.30 -23.94 -22.25
CA GLU C 353 -28.58 -22.68 -22.36
C GLU C 353 -27.42 -22.68 -21.37
N THR C 354 -26.27 -22.14 -21.80
CA THR C 354 -25.11 -21.88 -20.94
C THR C 354 -24.92 -20.39 -20.77
N GLN C 355 -24.25 -20.01 -19.67
CA GLN C 355 -23.70 -18.67 -19.47
C GLN C 355 -22.21 -18.80 -19.19
N ALA C 356 -21.43 -17.84 -19.68
CA ALA C 356 -19.98 -17.82 -19.45
C ALA C 356 -19.66 -17.47 -18.00
N SER C 357 -18.47 -17.90 -17.58
CA SER C 357 -18.03 -17.76 -16.20
C SER C 357 -16.52 -17.98 -16.14
N LEU C 358 -15.90 -17.47 -15.08
CA LEU C 358 -14.46 -17.71 -14.92
C LEU C 358 -14.14 -19.18 -14.75
N SER C 359 -15.13 -20.03 -14.54
CA SER C 359 -14.88 -21.46 -14.50
C SER C 359 -15.20 -22.13 -15.82
N GLY C 360 -15.72 -21.39 -16.79
CA GLY C 360 -16.12 -21.95 -18.05
C GLY C 360 -17.63 -21.90 -18.20
N PRO C 361 -18.17 -22.72 -19.10
CA PRO C 361 -19.61 -22.66 -19.40
C PRO C 361 -20.45 -23.18 -18.24
N TYR C 362 -21.39 -22.36 -17.78
CA TYR C 362 -22.25 -22.68 -16.67
C TYR C 362 -23.64 -23.00 -17.19
N LEU C 363 -24.23 -24.10 -16.72
CA LEU C 363 -25.49 -24.63 -17.26
C LEU C 363 -26.69 -23.93 -16.62
N THR C 364 -27.32 -23.00 -17.33
CA THR C 364 -28.42 -22.27 -16.72
C THR C 364 -29.78 -22.91 -16.97
N SER C 365 -30.12 -23.18 -18.25
CA SER C 365 -31.43 -23.72 -18.61
C SER C 365 -31.31 -25.09 -19.25
N VAL C 366 -32.26 -25.95 -18.95
CA VAL C 366 -32.39 -27.24 -19.60
C VAL C 366 -33.83 -27.42 -20.04
N MET C 367 -34.03 -27.75 -21.31
CA MET C 367 -35.36 -27.99 -21.86
C MET C 367 -36.27 -26.80 -21.69
N GLY C 368 -35.77 -25.62 -22.00
CA GLY C 368 -36.63 -24.47 -21.90
C GLY C 368 -36.72 -23.92 -20.49
N LYS C 369 -36.72 -24.76 -19.45
CA LYS C 369 -36.85 -24.25 -18.09
C LYS C 369 -35.49 -23.86 -17.52
N ALA C 370 -35.30 -22.56 -17.34
CA ALA C 370 -34.13 -22.03 -16.62
C ALA C 370 -34.25 -22.30 -15.12
N ALA C 371 -33.11 -22.60 -14.50
CA ALA C 371 -33.06 -22.61 -13.05
C ALA C 371 -33.09 -21.17 -12.52
N GLY C 372 -33.71 -20.99 -11.36
CA GLY C 372 -33.72 -19.68 -10.77
C GLY C 372 -33.81 -19.77 -9.26
N GLU C 373 -33.87 -18.60 -8.60
CA GLU C 373 -34.38 -18.46 -7.24
C GLU C 373 -33.77 -19.48 -6.28
N ARG C 374 -32.45 -19.40 -6.13
CA ARG C 374 -31.72 -20.35 -5.26
C ARG C 374 -31.92 -21.80 -5.70
N GLU C 375 -32.07 -22.03 -7.00
CA GLU C 375 -31.96 -23.36 -7.57
C GLU C 375 -30.88 -23.36 -8.64
N PHE C 376 -30.39 -24.55 -8.96
CA PHE C 376 -29.43 -24.73 -10.04
C PHE C 376 -29.58 -26.13 -10.62
N TRP C 377 -29.12 -26.26 -11.86
CA TRP C 377 -29.08 -27.55 -12.55
C TRP C 377 -27.82 -28.29 -12.14
N GLN C 378 -27.97 -29.38 -11.39
CA GLN C 378 -26.84 -30.12 -10.86
C GLN C 378 -26.47 -31.26 -11.81
N LEU C 379 -25.17 -31.49 -11.97
CA LEU C 379 -24.66 -32.55 -12.81
C LEU C 379 -24.34 -33.75 -11.92
N LEU C 380 -25.10 -34.82 -12.08
CA LEU C 380 -24.77 -36.07 -11.44
C LEU C 380 -24.57 -37.14 -12.50
N ARG C 381 -23.70 -38.08 -12.18
CA ARG C 381 -23.54 -39.34 -12.88
C ARG C 381 -24.13 -40.45 -12.03
N ASP C 382 -24.45 -41.58 -12.66
CA ASP C 382 -24.94 -42.71 -11.89
C ASP C 382 -23.81 -43.32 -11.06
N PRO C 383 -24.10 -43.76 -9.82
CA PRO C 383 -25.41 -43.79 -9.14
C PRO C 383 -25.69 -42.60 -8.22
N ASN C 384 -26.49 -41.62 -8.66
CA ASN C 384 -26.83 -40.45 -7.85
C ASN C 384 -25.59 -39.88 -7.15
N THR C 385 -24.61 -39.47 -7.96
CA THR C 385 -23.38 -38.91 -7.42
C THR C 385 -23.10 -37.58 -8.09
N PRO C 386 -22.91 -36.50 -7.32
CA PRO C 386 -22.75 -35.18 -7.93
C PRO C 386 -21.32 -34.99 -8.44
N LEU C 387 -21.21 -34.56 -9.70
CA LEU C 387 -19.93 -34.38 -10.37
C LEU C 387 -19.04 -33.40 -9.62
N LEU C 388 -17.75 -33.44 -9.95
CA LEU C 388 -16.78 -32.47 -9.44
C LEU C 388 -16.24 -31.56 -10.53
N GLN C 389 -16.80 -31.59 -11.74
CA GLN C 389 -16.32 -30.70 -12.79
C GLN C 389 -17.50 -30.34 -13.66
N GLY C 390 -17.40 -29.19 -14.33
CA GLY C 390 -18.50 -28.70 -15.14
C GLY C 390 -18.65 -29.41 -16.47
N ILE C 391 -19.69 -29.00 -17.21
CA ILE C 391 -20.04 -29.63 -18.46
C ILE C 391 -18.89 -29.64 -19.46
N ALA C 392 -17.90 -28.77 -19.30
CA ALA C 392 -16.82 -28.67 -20.26
C ALA C 392 -15.53 -29.29 -19.77
N ASP C 393 -15.49 -29.80 -18.55
CA ASP C 393 -14.30 -30.49 -18.08
C ASP C 393 -14.51 -31.97 -17.77
N TYR C 394 -15.71 -32.40 -17.41
CA TYR C 394 -15.92 -33.81 -17.07
C TYR C 394 -16.09 -34.66 -18.33
N ARG C 395 -15.41 -35.79 -18.36
CA ARG C 395 -15.35 -36.64 -19.55
C ARG C 395 -15.92 -38.03 -19.32
N PRO C 396 -17.13 -38.31 -19.78
CA PRO C 396 -17.80 -39.57 -19.41
C PRO C 396 -17.15 -40.78 -20.04
N LYS C 397 -17.13 -41.88 -19.28
CA LYS C 397 -16.75 -43.17 -19.81
C LYS C 397 -17.92 -43.81 -20.60
N ASP C 398 -17.70 -45.00 -21.16
CA ASP C 398 -18.71 -45.69 -21.98
C ASP C 398 -20.00 -45.90 -21.20
N GLY C 399 -21.13 -45.61 -21.84
CA GLY C 399 -22.44 -45.89 -21.27
C GLY C 399 -22.77 -45.22 -19.96
N GLU C 400 -21.97 -44.21 -19.59
CA GLU C 400 -22.23 -43.48 -18.35
C GLU C 400 -23.59 -42.81 -18.42
N THR C 401 -24.27 -42.74 -17.28
CA THR C 401 -25.50 -42.00 -17.14
C THR C 401 -25.16 -40.62 -16.57
N ILE C 402 -25.53 -39.58 -17.29
CA ILE C 402 -25.30 -38.22 -16.87
C ILE C 402 -26.67 -37.59 -16.68
N GLU C 403 -27.06 -37.36 -15.42
CA GLU C 403 -28.31 -36.69 -15.09
C GLU C 403 -28.13 -35.17 -15.05
N LEU C 404 -29.16 -34.48 -15.50
CA LEU C 404 -29.38 -33.06 -15.22
C LEU C 404 -30.57 -32.97 -14.27
N ARG C 405 -30.33 -32.41 -13.08
CA ARG C 405 -31.34 -32.38 -12.02
C ARG C 405 -31.44 -30.97 -11.47
N LEU C 406 -32.63 -30.39 -11.54
CA LEU C 406 -32.91 -29.11 -10.91
C LEU C 406 -33.02 -29.31 -9.40
N VAL C 407 -32.34 -28.48 -8.63
CA VAL C 407 -32.19 -28.71 -7.19
C VAL C 407 -31.93 -27.39 -6.47
N SER C 408 -32.64 -27.18 -5.36
CA SER C 408 -32.44 -25.98 -4.56
C SER C 408 -31.11 -26.06 -3.83
N TRP C 409 -30.51 -24.90 -3.59
CA TRP C 409 -29.31 -24.84 -2.75
C TRP C 409 -29.44 -23.73 -1.74
N SER D 2 -2.89 35.63 -1.62
CA SER D 2 -2.28 36.14 -0.39
C SER D 2 -0.89 35.52 -0.16
N CYS D 3 -0.34 34.94 -1.23
CA CYS D 3 0.88 34.17 -1.47
C CYS D 3 2.03 35.08 -1.96
N PRO D 4 3.27 34.86 -1.53
CA PRO D 4 4.37 35.75 -1.95
C PRO D 4 4.62 35.64 -3.45
N PRO D 5 5.43 36.54 -4.01
CA PRO D 5 5.60 36.53 -5.47
C PRO D 5 6.23 35.25 -6.03
N THR D 6 7.00 34.50 -5.24
CA THR D 6 7.73 33.35 -5.79
C THR D 6 6.91 32.06 -5.80
N LYS D 7 5.76 32.04 -5.11
CA LYS D 7 5.02 30.80 -4.93
C LYS D 7 3.63 30.91 -5.57
N PHE D 8 3.10 29.76 -6.03
CA PHE D 8 1.74 29.63 -6.54
C PHE D 8 0.84 29.07 -5.42
N GLN D 9 -0.34 29.65 -5.27
CA GLN D 9 -1.28 29.28 -4.21
C GLN D 9 -2.33 28.32 -4.74
N CYS D 10 -2.36 27.10 -4.18
CA CYS D 10 -3.39 26.13 -4.54
C CYS D 10 -4.77 26.70 -4.37
N ARG D 11 -5.60 26.54 -5.40
CA ARG D 11 -6.90 27.20 -5.42
C ARG D 11 -7.77 26.76 -4.25
N THR D 12 -7.91 25.45 -4.03
CA THR D 12 -8.74 24.99 -2.94
C THR D 12 -8.08 25.15 -1.59
N SER D 13 -6.93 24.49 -1.38
CA SER D 13 -6.35 24.44 -0.04
C SER D 13 -5.94 25.82 0.45
N GLY D 14 -5.64 26.74 -0.48
CA GLY D 14 -5.18 28.06 -0.11
C GLY D 14 -3.76 28.12 0.38
N LEU D 15 -2.95 27.12 0.02
CA LEU D 15 -1.58 27.02 0.51
C LEU D 15 -0.61 27.36 -0.60
N CYS D 16 0.64 27.60 -0.19
CA CYS D 16 1.64 28.21 -1.06
C CYS D 16 2.64 27.17 -1.51
N VAL D 17 2.90 27.15 -2.81
CA VAL D 17 3.67 26.10 -3.47
C VAL D 17 4.64 26.75 -4.47
N PRO D 18 5.91 26.39 -4.46
CA PRO D 18 6.88 27.08 -5.32
C PRO D 18 6.65 26.79 -6.80
N LEU D 19 6.95 27.78 -7.63
CA LEU D 19 6.68 27.66 -9.06
C LEU D 19 7.45 26.51 -9.71
N THR D 20 8.58 26.09 -9.13
CA THR D 20 9.22 24.85 -9.54
C THR D 20 8.23 23.69 -9.59
N TRP D 21 7.18 23.75 -8.77
CA TRP D 21 6.18 22.69 -8.66
C TRP D 21 5.00 22.89 -9.58
N ARG D 22 4.85 24.06 -10.17
CA ARG D 22 3.80 24.29 -11.15
C ARG D 22 4.19 23.62 -12.46
N CYS D 23 3.41 22.62 -12.88
CA CYS D 23 3.60 21.93 -14.16
C CYS D 23 4.85 21.06 -14.17
N ASP D 24 4.94 20.13 -13.20
CA ASP D 24 6.05 19.19 -13.14
C ASP D 24 5.57 17.74 -13.14
N ARG D 25 4.32 17.50 -13.57
CA ARG D 25 3.67 16.20 -13.66
C ARG D 25 3.36 15.61 -12.29
N ASP D 26 3.60 16.34 -11.20
CA ASP D 26 3.37 15.83 -9.86
C ASP D 26 2.27 16.65 -9.22
N LEU D 27 1.34 15.98 -8.55
CA LEU D 27 0.19 16.66 -7.95
C LEU D 27 0.57 17.07 -6.53
N ASP D 28 0.96 18.34 -6.37
CA ASP D 28 1.43 18.84 -5.09
C ASP D 28 0.38 19.61 -4.33
N CYS D 29 -0.65 20.10 -5.01
CA CYS D 29 -1.82 20.64 -4.35
C CYS D 29 -2.88 19.55 -4.20
N SER D 30 -3.75 19.77 -3.21
CA SER D 30 -4.76 18.77 -2.90
C SER D 30 -5.68 18.50 -4.09
N ASP D 31 -6.04 19.55 -4.83
CA ASP D 31 -6.91 19.39 -5.99
C ASP D 31 -6.17 19.21 -7.32
N GLY D 32 -4.90 19.56 -7.37
CA GLY D 32 -4.14 19.49 -8.60
C GLY D 32 -3.99 20.80 -9.36
N SER D 33 -4.31 21.95 -8.73
CA SER D 33 -4.29 23.22 -9.44
C SER D 33 -2.95 23.46 -10.13
N ASP D 34 -1.85 23.01 -9.52
CA ASP D 34 -0.55 23.19 -10.14
C ASP D 34 -0.50 22.53 -11.52
N GLU D 35 -1.10 21.36 -11.66
CA GLU D 35 -0.98 20.59 -12.90
C GLU D 35 -2.11 20.83 -13.89
N GLU D 36 -3.26 21.32 -13.44
CA GLU D 36 -4.30 21.69 -14.40
C GLU D 36 -4.00 23.10 -14.94
N GLU D 37 -4.85 23.54 -15.89
CA GLU D 37 -4.66 24.72 -16.75
C GLU D 37 -3.22 24.83 -17.28
N CYS D 38 -2.57 23.70 -17.46
CA CYS D 38 -1.12 23.70 -17.63
C CYS D 38 -0.75 23.74 -19.12
N ARG D 39 0.55 23.55 -19.39
CA ARG D 39 1.15 23.47 -20.74
C ARG D 39 1.24 24.83 -21.43
N LEU D 79 32.32 12.35 -17.34
CA LEU D 79 32.68 11.43 -16.27
C LEU D 79 32.03 10.06 -16.50
N ALA D 80 32.65 9.00 -16.00
CA ALA D 80 32.15 7.63 -16.16
C ALA D 80 31.79 7.03 -14.80
N CYS D 81 31.10 5.90 -14.84
CA CYS D 81 30.70 5.22 -13.61
C CYS D 81 31.79 4.25 -13.14
N LEU D 82 31.45 3.52 -12.08
CA LEU D 82 32.44 2.62 -11.44
C LEU D 82 32.25 1.17 -11.88
N ALA D 83 32.93 0.26 -11.19
CA ALA D 83 32.90 -1.15 -11.56
C ALA D 83 31.49 -1.72 -11.45
N GLY D 84 31.05 -1.98 -10.22
CA GLY D 84 29.71 -2.51 -10.01
C GLY D 84 28.61 -1.46 -10.00
N GLU D 85 28.63 -0.57 -10.99
CA GLU D 85 27.58 0.43 -11.17
C GLU D 85 27.00 0.29 -12.57
N LEU D 86 26.10 1.20 -12.91
CA LEU D 86 25.38 1.13 -14.18
C LEU D 86 24.88 2.53 -14.51
N ARG D 87 24.86 2.85 -15.80
CA ARG D 87 24.47 4.17 -16.28
C ARG D 87 23.01 4.16 -16.72
N CYS D 88 22.25 5.15 -16.29
CA CYS D 88 20.93 5.33 -16.87
C CYS D 88 21.09 5.69 -18.33
N THR D 89 20.26 5.10 -19.18
CA THR D 89 20.48 5.20 -20.62
C THR D 89 20.36 6.65 -21.12
N LEU D 90 19.40 7.42 -20.60
CA LEU D 90 19.15 8.78 -21.08
C LEU D 90 19.60 9.89 -20.14
N SER D 91 20.06 9.56 -18.93
CA SER D 91 20.57 10.54 -17.99
C SER D 91 21.98 10.15 -17.60
N ASP D 92 22.70 11.11 -17.01
CA ASP D 92 24.11 10.92 -16.64
C ASP D 92 24.28 10.38 -15.22
N ASP D 93 23.21 10.07 -14.51
CA ASP D 93 23.30 9.50 -13.18
C ASP D 93 23.89 8.09 -13.22
N CYS D 94 24.63 7.73 -12.18
CA CYS D 94 25.11 6.37 -11.97
C CYS D 94 24.34 5.74 -10.82
N ILE D 95 24.03 4.45 -10.94
CA ILE D 95 23.35 3.72 -9.85
C ILE D 95 23.99 2.34 -9.72
N PRO D 96 24.17 1.83 -8.50
CA PRO D 96 24.78 0.50 -8.35
C PRO D 96 23.96 -0.55 -9.07
N LEU D 97 24.63 -1.57 -9.64
CA LEU D 97 23.87 -2.58 -10.36
C LEU D 97 22.79 -3.23 -9.49
N THR D 98 22.89 -3.15 -8.16
CA THR D 98 21.86 -3.77 -7.33
C THR D 98 20.56 -2.97 -7.26
N TRP D 99 20.51 -1.73 -7.73
CA TRP D 99 19.25 -1.02 -7.82
C TRP D 99 18.53 -1.31 -9.15
N ARG D 100 19.21 -1.96 -10.10
CA ARG D 100 18.54 -2.51 -11.27
C ARG D 100 17.54 -3.58 -10.82
N CYS D 101 16.32 -3.51 -11.39
CA CYS D 101 15.22 -4.45 -11.12
C CYS D 101 15.00 -4.69 -9.63
N ASP D 102 14.65 -3.63 -8.90
CA ASP D 102 14.47 -3.76 -7.46
C ASP D 102 13.09 -3.28 -7.05
N GLY D 103 12.28 -2.84 -8.00
CA GLY D 103 10.95 -2.41 -7.76
C GLY D 103 10.78 -0.92 -7.79
N HIS D 104 11.89 -0.17 -7.72
CA HIS D 104 11.81 1.27 -7.65
C HIS D 104 12.58 1.89 -8.80
N PRO D 105 12.00 2.87 -9.49
CA PRO D 105 12.72 3.56 -10.57
C PRO D 105 13.80 4.49 -10.08
N ASP D 106 15.05 4.03 -9.95
CA ASP D 106 16.12 4.88 -9.42
C ASP D 106 16.71 5.85 -10.44
N CYS D 107 16.41 5.71 -11.70
CA CYS D 107 16.75 6.62 -12.77
C CYS D 107 15.62 7.61 -13.02
N PRO D 108 15.89 8.82 -13.50
CA PRO D 108 14.78 9.67 -13.96
C PRO D 108 13.93 9.01 -15.04
N ASP D 109 14.56 8.43 -16.07
CA ASP D 109 13.83 7.79 -17.15
C ASP D 109 13.32 6.40 -16.81
N SER D 110 13.52 5.92 -15.58
CA SER D 110 13.05 4.61 -15.10
C SER D 110 13.77 3.43 -15.76
N SER D 111 14.85 3.68 -16.50
CA SER D 111 15.43 2.63 -17.31
C SER D 111 15.92 1.46 -16.46
N ASP D 112 16.29 1.71 -15.20
CA ASP D 112 16.74 0.60 -14.35
C ASP D 112 15.69 -0.46 -14.21
N GLU D 113 14.44 -0.13 -14.44
CA GLU D 113 13.36 -1.06 -14.20
C GLU D 113 12.73 -1.56 -15.49
N LEU D 114 13.24 -1.14 -16.65
CA LEU D 114 12.61 -1.42 -17.94
C LEU D 114 12.55 -2.92 -18.24
N GLY D 115 13.71 -3.55 -18.40
CA GLY D 115 13.69 -4.92 -18.90
C GLY D 115 13.26 -6.04 -17.96
N CYS D 116 12.73 -5.72 -16.79
CA CYS D 116 12.54 -6.73 -15.76
C CYS D 116 11.32 -7.58 -16.06
N GLY D 117 11.48 -8.90 -15.91
CA GLY D 117 10.47 -9.88 -16.28
C GLY D 117 10.75 -10.63 -17.56
N THR D 118 11.86 -10.34 -18.24
CA THR D 118 12.21 -10.97 -19.50
C THR D 118 13.72 -10.86 -19.68
N ASN D 119 14.31 -11.90 -20.24
CA ASN D 119 15.72 -11.85 -20.60
C ASN D 119 15.94 -10.75 -21.63
N GLU D 120 16.90 -9.87 -21.31
CA GLU D 120 17.37 -8.82 -22.20
C GLU D 120 16.22 -7.84 -22.44
N ILE D 121 15.82 -7.60 -23.68
CA ILE D 121 14.82 -6.58 -24.05
C ILE D 121 13.78 -7.30 -24.91
N ARG E 2 -37.61 -2.25 2.09
CA ARG E 2 -38.85 -2.16 1.32
C ARG E 2 -38.62 -2.56 -0.15
N GLN E 3 -39.68 -2.99 -0.82
CA GLN E 3 -39.59 -3.47 -2.20
C GLN E 3 -40.60 -2.76 -3.09
N LEU E 4 -40.89 -3.35 -4.26
CA LEU E 4 -41.53 -2.65 -5.37
C LEU E 4 -42.85 -3.29 -5.80
N VAL E 5 -43.79 -2.43 -6.24
CA VAL E 5 -45.16 -2.86 -6.52
C VAL E 5 -45.54 -2.38 -7.92
N GLU E 6 -46.34 -3.21 -8.60
CA GLU E 6 -46.81 -2.97 -9.96
C GLU E 6 -48.31 -2.67 -9.98
N SER E 7 -48.73 -1.85 -10.95
CA SER E 7 -50.14 -1.54 -11.15
C SER E 7 -50.36 -1.26 -12.63
N GLY E 8 -51.64 -1.13 -13.03
CA GLY E 8 -51.99 -0.73 -14.37
C GLY E 8 -52.52 -1.84 -15.28
N GLY E 9 -52.43 -3.10 -14.85
CA GLY E 9 -52.89 -4.20 -15.68
C GLY E 9 -54.40 -4.37 -15.69
N GLY E 10 -54.85 -5.18 -16.64
CA GLY E 10 -56.26 -5.46 -16.80
C GLY E 10 -56.55 -6.04 -18.17
N LEU E 11 -57.83 -6.14 -18.48
CA LEU E 11 -58.26 -6.69 -19.75
C LEU E 11 -58.22 -5.62 -20.83
N VAL E 12 -57.89 -6.04 -22.05
CA VAL E 12 -57.78 -5.13 -23.17
C VAL E 12 -58.14 -5.92 -24.43
N GLN E 13 -58.43 -5.21 -25.51
CA GLN E 13 -58.78 -5.86 -26.74
C GLN E 13 -57.64 -5.79 -27.74
N PRO E 14 -57.50 -6.75 -28.65
CA PRO E 14 -56.44 -6.68 -29.65
C PRO E 14 -56.44 -5.33 -30.36
N GLY E 15 -55.24 -4.81 -30.59
CA GLY E 15 -55.03 -3.42 -30.90
C GLY E 15 -54.93 -2.54 -29.69
N GLY E 16 -55.24 -3.07 -28.50
CA GLY E 16 -55.28 -2.27 -27.31
C GLY E 16 -53.92 -1.86 -26.77
N SER E 17 -53.97 -0.91 -25.85
CA SER E 17 -52.78 -0.39 -25.20
C SER E 17 -53.00 -0.44 -23.70
N LEU E 18 -51.95 -0.08 -22.97
CA LEU E 18 -51.90 -0.17 -21.51
C LEU E 18 -50.68 0.62 -21.03
N ARG E 19 -50.68 0.93 -19.73
CA ARG E 19 -49.55 1.63 -19.08
C ARG E 19 -49.33 1.06 -17.70
N LEU E 20 -48.47 0.06 -17.59
CA LEU E 20 -48.08 -0.44 -16.29
C LEU E 20 -47.17 0.56 -15.60
N SER E 21 -47.34 0.68 -14.29
CA SER E 21 -46.44 1.42 -13.44
C SER E 21 -45.84 0.44 -12.44
N CYS E 22 -44.55 0.68 -12.10
CA CYS E 22 -43.79 -0.10 -11.08
C CYS E 22 -43.21 0.89 -10.10
N ALA E 23 -43.81 1.00 -8.91
CA ALA E 23 -43.37 1.98 -7.92
C ALA E 23 -42.37 1.32 -6.97
N ALA E 24 -41.16 1.89 -6.89
CA ALA E 24 -40.08 1.31 -6.11
C ALA E 24 -39.73 2.23 -4.95
N SER E 25 -39.84 1.71 -3.73
CA SER E 25 -39.38 2.41 -2.54
C SER E 25 -38.41 1.49 -1.83
N GLY E 26 -37.20 1.99 -1.60
CA GLY E 26 -36.13 1.20 -1.05
C GLY E 26 -34.96 1.02 -1.97
N PHE E 27 -34.97 1.62 -3.16
CA PHE E 27 -33.88 1.46 -4.11
C PHE E 27 -33.28 2.82 -4.43
N THR E 28 -31.99 2.94 -4.16
CA THR E 28 -31.30 4.21 -4.27
C THR E 28 -31.28 4.65 -5.72
N PRO E 29 -31.71 5.87 -6.03
CA PRO E 29 -31.94 6.26 -7.44
C PRO E 29 -30.95 5.75 -8.48
N GLY E 30 -29.73 6.27 -8.53
CA GLY E 30 -28.98 6.04 -9.76
C GLY E 30 -28.16 4.75 -9.85
N ILE E 31 -28.58 3.68 -9.18
CA ILE E 31 -27.71 2.51 -9.13
C ILE E 31 -28.40 1.20 -9.50
N TYR E 32 -29.72 1.08 -9.57
CA TYR E 32 -30.31 -0.22 -9.86
C TYR E 32 -30.80 -0.31 -11.28
N ASP E 33 -30.70 -1.51 -11.83
CA ASP E 33 -31.25 -1.78 -13.17
C ASP E 33 -32.68 -2.25 -12.93
N ILE E 34 -33.65 -1.70 -13.65
CA ILE E 34 -35.06 -2.05 -13.51
C ILE E 34 -35.54 -2.69 -14.81
N GLY E 35 -36.23 -3.81 -14.68
CA GLY E 35 -36.69 -4.54 -15.85
C GLY E 35 -38.08 -5.13 -15.62
N TRP E 36 -38.82 -5.20 -16.71
CA TRP E 36 -40.17 -5.76 -16.73
C TRP E 36 -40.14 -7.17 -17.31
N PHE E 37 -40.87 -8.09 -16.68
CA PHE E 37 -40.90 -9.48 -17.10
C PHE E 37 -42.34 -9.95 -17.19
N ARG E 38 -42.57 -11.02 -17.93
CA ARG E 38 -43.89 -11.62 -18.08
C ARG E 38 -43.77 -13.13 -17.94
N GLN E 39 -44.77 -13.73 -17.29
CA GLN E 39 -44.85 -15.18 -17.13
C GLN E 39 -46.24 -15.62 -17.59
N ALA E 40 -46.28 -16.27 -18.74
CA ALA E 40 -47.53 -16.80 -19.24
C ALA E 40 -47.91 -18.04 -18.44
N PRO E 41 -49.21 -18.38 -18.39
CA PRO E 41 -49.63 -19.60 -17.69
C PRO E 41 -48.86 -20.80 -18.21
N GLY E 42 -48.15 -21.49 -17.31
CA GLY E 42 -47.42 -22.68 -17.68
C GLY E 42 -46.21 -22.45 -18.56
N LYS E 43 -45.79 -21.20 -18.72
CA LYS E 43 -44.65 -20.85 -19.55
C LYS E 43 -43.57 -20.20 -18.68
N GLU E 44 -42.33 -20.15 -19.19
CA GLU E 44 -41.24 -19.57 -18.41
C GLU E 44 -41.37 -18.05 -18.37
N ARG E 45 -40.66 -17.42 -17.42
CA ARG E 45 -40.62 -15.97 -17.30
C ARG E 45 -39.74 -15.35 -18.39
N GLU E 46 -40.29 -14.39 -19.12
CA GLU E 46 -39.63 -13.81 -20.28
C GLU E 46 -39.33 -12.35 -20.01
N GLY E 47 -38.09 -11.94 -20.24
CA GLY E 47 -37.75 -10.54 -20.09
C GLY E 47 -38.32 -9.72 -21.23
N VAL E 48 -38.96 -8.61 -20.87
CA VAL E 48 -39.64 -7.77 -21.84
C VAL E 48 -38.83 -6.52 -22.19
N SER E 49 -38.54 -5.69 -21.19
CA SER E 49 -37.79 -4.45 -21.35
C SER E 49 -37.14 -4.10 -20.03
N CYS E 50 -36.05 -3.31 -20.15
CA CYS E 50 -35.22 -2.97 -18.98
C CYS E 50 -34.63 -1.57 -19.14
N ILE E 51 -34.42 -0.86 -18.03
CA ILE E 51 -33.81 0.49 -18.06
C ILE E 51 -32.52 0.45 -17.24
N SER E 52 -31.42 0.99 -17.79
CA SER E 52 -30.10 0.92 -17.12
C SER E 52 -29.93 1.97 -16.03
N SER E 53 -29.07 1.66 -15.07
CA SER E 53 -28.87 2.55 -13.89
C SER E 53 -28.14 3.86 -14.19
N ARG E 54 -27.03 3.81 -14.92
CA ARG E 54 -26.25 5.04 -15.15
C ARG E 54 -26.57 5.53 -16.56
N GLY E 55 -26.51 4.64 -17.54
CA GLY E 55 -26.82 4.95 -18.94
C GLY E 55 -28.24 5.40 -19.17
N SER E 56 -29.21 4.82 -18.47
CA SER E 56 -30.65 5.04 -18.79
C SER E 56 -30.84 4.41 -20.16
N SER E 57 -30.05 3.36 -20.46
CA SER E 57 -30.13 2.61 -21.72
C SER E 57 -31.39 1.75 -21.78
N THR E 58 -31.86 1.48 -22.99
CA THR E 58 -33.10 0.70 -23.19
C THR E 58 -32.79 -0.62 -23.89
N ASN E 59 -33.48 -1.69 -23.51
CA ASN E 59 -33.33 -2.96 -24.26
C ASN E 59 -34.70 -3.62 -24.30
N TYR E 60 -35.08 -4.13 -25.46
CA TYR E 60 -36.44 -4.69 -25.64
C TYR E 60 -36.30 -6.14 -26.09
N ALA E 61 -37.27 -7.00 -25.75
CA ALA E 61 -37.19 -8.43 -26.03
C ALA E 61 -37.04 -8.72 -27.50
N ASP E 62 -37.70 -7.91 -28.35
CA ASP E 62 -37.71 -7.95 -29.82
C ASP E 62 -38.96 -8.65 -30.34
N SER E 63 -39.44 -9.69 -29.65
CA SER E 63 -40.84 -10.04 -29.85
C SER E 63 -41.74 -8.83 -29.63
N VAL E 64 -41.21 -7.83 -28.95
CA VAL E 64 -41.94 -6.65 -28.50
C VAL E 64 -41.37 -5.36 -29.08
N LYS E 65 -40.29 -5.45 -29.86
CA LYS E 65 -39.66 -4.27 -30.44
C LYS E 65 -40.73 -3.39 -31.08
N GLY E 66 -40.59 -2.08 -30.92
CA GLY E 66 -41.54 -1.15 -31.49
C GLY E 66 -42.86 -1.06 -30.77
N ARG E 67 -43.27 -2.08 -30.03
CA ARG E 67 -44.57 -2.05 -29.36
C ARG E 67 -44.48 -1.39 -27.98
N PHE E 68 -43.77 -2.01 -27.03
CA PHE E 68 -43.71 -1.42 -25.69
C PHE E 68 -42.49 -0.51 -25.53
N ILE E 69 -42.61 0.47 -24.62
CA ILE E 69 -41.56 1.44 -24.32
C ILE E 69 -41.33 1.50 -22.80
N ILE E 70 -40.06 1.49 -22.36
CA ILE E 70 -39.76 1.67 -20.90
C ILE E 70 -39.54 3.16 -20.62
N SER E 71 -40.00 3.61 -19.46
CA SER E 71 -39.90 5.05 -19.12
C SER E 71 -39.65 5.28 -17.63
N ARG E 72 -39.12 6.44 -17.27
CA ARG E 72 -38.91 6.83 -15.84
C ARG E 72 -39.63 8.16 -15.58
N ASP E 73 -40.37 8.28 -14.47
CA ASP E 73 -41.20 9.48 -14.18
C ASP E 73 -40.37 10.75 -14.04
N ASN E 74 -39.22 10.66 -13.38
CA ASN E 74 -38.28 11.78 -13.13
C ASN E 74 -38.63 12.49 -11.81
N VAL E 75 -39.78 12.17 -11.19
CA VAL E 75 -40.04 12.72 -9.83
C VAL E 75 -40.35 11.54 -8.89
N LYS E 76 -41.22 10.64 -9.32
CA LYS E 76 -41.69 9.49 -8.50
C LYS E 76 -40.65 8.43 -8.14
N ASN E 77 -39.67 8.09 -9.01
CA ASN E 77 -38.80 6.88 -8.85
C ASN E 77 -39.58 5.66 -9.36
N THR E 78 -40.64 5.92 -10.14
CA THR E 78 -41.41 4.82 -10.76
C THR E 78 -40.98 4.57 -12.20
N VAL E 79 -41.00 3.31 -12.63
CA VAL E 79 -40.71 2.95 -14.04
C VAL E 79 -42.00 2.44 -14.70
N TYR E 80 -42.26 2.93 -15.91
CA TYR E 80 -43.53 2.58 -16.60
C TYR E 80 -43.29 1.79 -17.88
N LEU E 81 -44.28 0.99 -18.27
CA LEU E 81 -44.20 0.25 -19.57
C LEU E 81 -45.38 0.60 -20.48
N GLN E 82 -45.24 1.62 -21.33
CA GLN E 82 -46.21 1.84 -22.38
C GLN E 82 -46.28 0.62 -23.27
N MET E 83 -47.41 -0.09 -23.25
CA MET E 83 -47.67 -1.24 -24.11
C MET E 83 -48.67 -0.85 -25.18
N ASN E 84 -48.29 -1.01 -26.43
CA ASN E 84 -49.20 -0.68 -27.51
C ASN E 84 -49.47 -1.92 -28.35
N SER E 85 -50.57 -1.86 -29.11
CA SER E 85 -50.89 -2.87 -30.12
C SER E 85 -50.88 -4.28 -29.51
N LEU E 86 -51.54 -4.41 -28.36
CA LEU E 86 -51.52 -5.68 -27.64
C LEU E 86 -52.19 -6.77 -28.47
N GLU E 87 -51.52 -7.91 -28.60
CA GLU E 87 -52.04 -9.09 -29.28
C GLU E 87 -52.36 -10.17 -28.24
N PRO E 88 -53.14 -11.21 -28.61
CA PRO E 88 -53.45 -12.25 -27.62
C PRO E 88 -52.22 -12.86 -26.98
N GLU E 89 -51.12 -12.96 -27.74
CA GLU E 89 -49.90 -13.59 -27.25
C GLU E 89 -49.28 -12.86 -26.06
N ASP E 90 -49.66 -11.62 -25.79
CA ASP E 90 -49.15 -10.88 -24.65
C ASP E 90 -49.83 -11.22 -23.32
N THR E 91 -50.73 -12.20 -23.29
CA THR E 91 -51.46 -12.52 -22.07
C THR E 91 -50.50 -13.14 -21.06
N ALA E 92 -50.26 -12.44 -19.94
CA ALA E 92 -49.43 -12.94 -18.84
C ALA E 92 -49.66 -12.06 -17.62
N VAL E 93 -49.07 -12.49 -16.50
CA VAL E 93 -48.84 -11.64 -15.35
C VAL E 93 -47.48 -10.96 -15.51
N TYR E 94 -47.45 -9.65 -15.29
CA TYR E 94 -46.23 -8.87 -15.54
C TYR E 94 -45.55 -8.50 -14.23
N TYR E 95 -44.25 -8.77 -14.14
CA TYR E 95 -43.45 -8.47 -12.96
C TYR E 95 -42.48 -7.33 -13.22
N CYS E 96 -42.24 -6.55 -12.16
CA CYS E 96 -41.21 -5.51 -12.15
C CYS E 96 -40.02 -6.04 -11.38
N ALA E 97 -38.81 -5.66 -11.81
CA ALA E 97 -37.63 -6.34 -11.30
C ALA E 97 -36.45 -5.39 -11.19
N ALA E 98 -35.57 -5.67 -10.21
CA ALA E 98 -34.43 -4.82 -9.89
C ALA E 98 -33.18 -5.65 -9.61
N ILE E 99 -32.05 -5.20 -10.15
CA ILE E 99 -30.75 -5.82 -9.89
C ILE E 99 -29.68 -4.75 -9.88
N TYR E 100 -28.70 -4.90 -8.98
CA TYR E 100 -27.46 -4.11 -9.06
C TYR E 100 -26.54 -4.82 -10.02
N GLN E 101 -26.71 -4.55 -11.30
CA GLN E 101 -25.76 -5.02 -12.33
C GLN E 101 -25.23 -3.67 -12.75
N PRO E 102 -24.08 -3.28 -12.24
CA PRO E 102 -23.69 -1.90 -12.35
C PRO E 102 -23.48 -1.20 -13.68
N SER E 103 -22.85 -1.83 -14.66
CA SER E 103 -22.71 -0.96 -15.84
C SER E 103 -22.80 -1.53 -17.25
N ASN E 104 -23.00 -0.62 -18.19
CA ASN E 104 -23.10 -0.93 -19.64
C ASN E 104 -24.37 -1.72 -19.91
N GLY E 105 -25.50 -1.14 -19.55
CA GLY E 105 -26.79 -1.69 -19.97
C GLY E 105 -27.53 -2.65 -19.07
N CYS E 106 -28.82 -2.75 -19.31
CA CYS E 106 -29.68 -3.75 -18.65
C CYS E 106 -29.61 -5.09 -19.41
N VAL E 107 -29.99 -6.17 -18.74
CA VAL E 107 -30.03 -7.50 -19.42
C VAL E 107 -31.45 -8.04 -19.31
N LEU E 108 -31.85 -8.85 -20.29
CA LEU E 108 -33.25 -9.34 -20.31
C LEU E 108 -33.35 -10.79 -19.84
N ARG E 109 -32.24 -11.42 -19.47
CA ARG E 109 -32.44 -12.71 -18.82
C ARG E 109 -33.11 -12.48 -17.47
N PRO E 110 -33.78 -13.48 -16.93
CA PRO E 110 -34.50 -13.26 -15.66
C PRO E 110 -33.58 -13.45 -14.47
N GLU E 111 -32.37 -12.92 -14.60
CA GLU E 111 -31.36 -12.97 -13.53
C GLU E 111 -31.32 -11.64 -12.77
N TYR E 112 -32.47 -11.28 -12.20
CA TYR E 112 -32.61 -10.00 -11.44
C TYR E 112 -32.91 -10.33 -9.97
N SER E 113 -32.23 -9.67 -9.02
CA SER E 113 -32.37 -9.96 -7.56
C SER E 113 -33.75 -9.66 -6.95
N TYR E 114 -34.40 -8.56 -7.33
CA TYR E 114 -35.66 -8.15 -6.63
C TYR E 114 -36.88 -8.21 -7.53
N TRP E 115 -38.01 -8.66 -6.99
CA TRP E 115 -39.20 -8.86 -7.80
C TRP E 115 -40.43 -8.27 -7.13
N GLY E 116 -41.42 -7.90 -7.95
CA GLY E 116 -42.72 -7.48 -7.47
C GLY E 116 -43.73 -8.61 -7.46
N LYS E 117 -44.88 -8.34 -6.82
CA LYS E 117 -45.91 -9.36 -6.72
C LYS E 117 -46.52 -9.66 -8.08
N GLY E 118 -46.68 -8.64 -8.90
CA GLY E 118 -47.10 -8.91 -10.27
C GLY E 118 -48.45 -8.30 -10.54
N THR E 119 -48.61 -7.72 -11.71
CA THR E 119 -49.91 -7.29 -12.19
C THR E 119 -50.36 -8.20 -13.32
N PRO E 120 -51.63 -8.63 -13.34
CA PRO E 120 -52.11 -9.47 -14.47
C PRO E 120 -52.55 -8.64 -15.67
N VAL E 121 -52.20 -9.13 -16.85
CA VAL E 121 -52.57 -8.51 -18.12
C VAL E 121 -53.11 -9.61 -19.02
N THR E 122 -54.30 -9.37 -19.59
CA THR E 122 -54.91 -10.32 -20.52
C THR E 122 -55.55 -9.56 -21.67
N VAL E 123 -55.59 -10.19 -22.85
CA VAL E 123 -56.24 -9.63 -24.03
C VAL E 123 -56.98 -10.73 -24.78
N SER E 124 -58.16 -10.38 -25.34
CA SER E 124 -59.16 -11.33 -25.82
C SER E 124 -58.91 -11.69 -27.30
N SER E 125 -59.87 -12.39 -27.91
CA SER E 125 -59.78 -12.86 -29.30
C SER E 125 -61.16 -13.33 -29.79
N HIS E 126 -61.25 -13.57 -31.10
CA HIS E 126 -62.49 -14.00 -31.80
C HIS E 126 -63.72 -13.19 -31.40
N ARG F 2 37.27 4.37 -1.94
CA ARG F 2 38.60 4.15 -1.30
C ARG F 2 38.97 5.43 -0.56
N GLN F 3 39.85 6.24 -1.16
CA GLN F 3 40.21 7.54 -0.53
C GLN F 3 40.56 8.54 -1.62
N LEU F 4 40.97 9.72 -1.20
CA LEU F 4 41.25 10.76 -2.19
C LEU F 4 42.63 11.32 -1.89
N VAL F 5 43.29 11.83 -2.94
CA VAL F 5 44.71 12.18 -2.89
C VAL F 5 44.89 13.63 -3.35
N GLU F 6 45.66 14.39 -2.58
CA GLU F 6 45.97 15.78 -2.93
C GLU F 6 47.38 15.90 -3.49
N SER F 7 47.53 16.83 -4.43
CA SER F 7 48.83 17.17 -5.01
C SER F 7 48.68 18.51 -5.72
N GLY F 8 49.78 18.97 -6.31
CA GLY F 8 49.85 20.29 -6.88
C GLY F 8 50.48 21.32 -5.97
N GLY F 9 50.78 20.97 -4.72
CA GLY F 9 51.29 21.94 -3.77
C GLY F 9 52.81 22.06 -3.80
N GLY F 10 53.29 23.27 -3.51
CA GLY F 10 54.72 23.50 -3.47
C GLY F 10 55.05 24.95 -3.13
N LEU F 11 56.34 25.18 -2.91
CA LEU F 11 56.81 26.53 -2.62
C LEU F 11 56.47 27.49 -3.76
N VAL F 12 56.04 28.70 -3.40
CA VAL F 12 55.97 29.86 -4.28
C VAL F 12 56.18 31.10 -3.43
N GLN F 13 56.39 32.25 -4.08
CA GLN F 13 56.53 33.55 -3.45
C GLN F 13 55.23 34.34 -3.60
N PRO F 14 54.97 35.30 -2.69
CA PRO F 14 53.70 36.04 -2.75
C PRO F 14 53.40 36.62 -4.12
N GLY F 15 52.10 36.85 -4.37
CA GLY F 15 51.65 37.25 -5.68
C GLY F 15 51.65 36.15 -6.72
N GLY F 16 51.79 34.88 -6.31
CA GLY F 16 51.94 33.78 -7.22
C GLY F 16 50.66 32.99 -7.45
N SER F 17 50.77 31.99 -8.32
CA SER F 17 49.69 31.10 -8.66
C SER F 17 50.00 29.69 -8.16
N LEU F 18 48.95 28.93 -7.88
CA LEU F 18 49.06 27.51 -7.58
C LEU F 18 47.80 26.80 -8.02
N ARG F 19 47.91 25.49 -8.17
CA ARG F 19 46.76 24.65 -8.48
C ARG F 19 46.85 23.37 -7.65
N LEU F 20 45.91 23.17 -6.74
CA LEU F 20 45.80 21.93 -5.98
C LEU F 20 44.82 20.99 -6.63
N SER F 21 45.21 19.73 -6.65
CA SER F 21 44.49 18.68 -7.33
C SER F 21 44.00 17.68 -6.29
N CYS F 22 42.68 17.56 -6.19
CA CYS F 22 42.03 16.51 -5.42
C CYS F 22 41.47 15.48 -6.40
N ALA F 23 42.16 14.35 -6.50
CA ALA F 23 41.77 13.26 -7.38
C ALA F 23 41.05 12.19 -6.56
N ALA F 24 39.83 11.86 -6.96
CA ALA F 24 38.93 11.02 -6.17
C ALA F 24 38.72 9.68 -6.85
N SER F 25 39.05 8.62 -6.11
CA SER F 25 38.97 7.26 -6.67
C SER F 25 37.53 6.76 -6.62
N GLY F 26 37.18 6.04 -5.56
CA GLY F 26 36.03 5.12 -5.59
C GLY F 26 34.76 5.84 -5.22
N PHE F 27 34.53 7.01 -5.81
CA PHE F 27 33.34 7.82 -5.48
C PHE F 27 32.48 7.99 -6.73
N THR F 28 31.17 7.69 -6.63
CA THR F 28 30.22 7.84 -7.76
C THR F 28 30.25 9.30 -8.19
N PRO F 29 30.35 9.63 -9.50
CA PRO F 29 30.61 11.04 -9.89
C PRO F 29 29.63 12.07 -9.35
N GLY F 30 28.34 11.83 -9.43
CA GLY F 30 27.48 12.97 -9.20
C GLY F 30 27.07 13.26 -7.77
N ILE F 31 27.36 12.39 -6.80
CA ILE F 31 26.56 12.37 -5.58
C ILE F 31 27.19 13.01 -4.34
N TYR F 32 28.51 13.23 -4.31
CA TYR F 32 29.15 13.80 -3.13
C TYR F 32 29.45 15.27 -3.28
N ASP F 33 29.41 15.97 -2.14
CA ASP F 33 30.06 17.26 -1.98
C ASP F 33 31.55 17.04 -1.78
N ILE F 34 32.38 17.82 -2.49
CA ILE F 34 33.82 17.86 -2.26
C ILE F 34 34.19 19.26 -1.82
N GLY F 35 35.13 19.35 -0.88
CA GLY F 35 35.59 20.62 -0.36
C GLY F 35 37.06 20.61 -0.02
N TRP F 36 37.67 21.79 -0.05
CA TRP F 36 39.06 21.97 0.31
C TRP F 36 39.15 22.62 1.68
N PHE F 37 40.02 22.09 2.53
CA PHE F 37 40.23 22.57 3.88
C PHE F 37 41.71 22.82 4.11
N ARG F 38 42.02 23.89 4.81
CA ARG F 38 43.40 24.19 5.18
C ARG F 38 43.56 24.20 6.70
N GLN F 39 44.67 23.61 7.17
CA GLN F 39 45.14 23.71 8.56
C GLN F 39 46.54 24.29 8.53
N ALA F 40 46.71 25.57 9.08
CA ALA F 40 48.05 26.11 9.25
C ALA F 40 48.64 25.64 10.58
N PRO F 41 49.98 25.56 10.68
CA PRO F 41 50.61 25.15 11.95
C PRO F 41 50.14 26.00 13.14
N GLY F 42 49.71 25.32 14.20
CA GLY F 42 49.10 25.97 15.35
C GLY F 42 47.81 26.68 15.02
N LYS F 43 46.87 26.01 14.35
CA LYS F 43 45.59 26.63 14.04
C LYS F 43 44.56 25.55 13.71
N GLU F 44 43.30 25.80 14.11
CA GLU F 44 42.18 24.91 13.78
C GLU F 44 41.97 24.82 12.27
N ARG F 45 41.44 23.67 11.81
CA ARG F 45 41.21 23.52 10.37
C ARG F 45 40.03 24.40 9.94
N GLU F 46 40.23 25.14 8.86
CA GLU F 46 39.24 26.09 8.37
C GLU F 46 38.68 25.63 7.02
N GLY F 47 37.45 26.06 6.72
CA GLY F 47 36.81 25.71 5.48
C GLY F 47 37.10 26.72 4.39
N VAL F 48 37.62 26.27 3.26
CA VAL F 48 38.14 27.18 2.26
C VAL F 48 37.14 27.34 1.13
N SER F 49 36.76 26.22 0.52
CA SER F 49 35.98 26.22 -0.71
C SER F 49 35.34 24.86 -0.85
N CYS F 50 34.26 24.79 -1.63
CA CYS F 50 33.62 23.51 -1.86
C CYS F 50 32.78 23.57 -3.13
N ILE F 51 32.62 22.42 -3.77
CA ILE F 51 31.86 22.28 -5.01
C ILE F 51 30.63 21.44 -4.73
N SER F 52 29.51 21.83 -5.34
CA SER F 52 28.22 21.28 -4.95
C SER F 52 27.96 19.94 -5.63
N SER F 53 27.17 19.11 -4.95
CA SER F 53 26.81 17.78 -5.47
C SER F 53 26.12 17.88 -6.83
N ARG F 54 24.99 18.57 -6.87
CA ARG F 54 24.11 18.56 -8.01
C ARG F 54 24.18 19.85 -8.82
N SER F 57 27.22 24.15 -7.86
CA SER F 57 27.14 25.46 -7.21
C SER F 57 28.43 25.55 -6.42
N THR F 58 28.76 26.74 -5.92
CA THR F 58 30.00 26.97 -5.19
C THR F 58 29.84 27.84 -3.96
N ASN F 59 30.64 27.57 -2.93
CA ASN F 59 30.68 28.34 -1.70
C ASN F 59 32.13 28.64 -1.34
N TYR F 60 32.42 29.90 -1.01
CA TYR F 60 33.75 30.36 -0.65
C TYR F 60 33.71 30.98 0.74
N ALA F 61 34.89 31.14 1.34
CA ALA F 61 34.99 31.43 2.77
C ALA F 61 35.17 32.92 3.10
N ASP F 62 35.16 33.81 2.10
CA ASP F 62 35.23 35.26 2.27
C ASP F 62 36.64 35.78 2.56
N SER F 63 37.46 35.01 3.27
CA SER F 63 38.89 35.31 3.25
C SER F 63 39.48 34.98 1.91
N VAL F 64 38.81 34.10 1.16
CA VAL F 64 39.27 33.63 -0.15
C VAL F 64 38.50 34.28 -1.29
N LYS F 65 37.48 35.09 -0.98
CA LYS F 65 36.65 35.73 -2.00
C LYS F 65 37.50 36.35 -3.11
N GLY F 66 37.27 35.90 -4.33
CA GLY F 66 38.00 36.37 -5.49
C GLY F 66 39.41 35.83 -5.63
N ARG F 67 39.88 35.02 -4.69
CA ARG F 67 41.27 34.57 -4.72
C ARG F 67 41.37 33.14 -5.26
N PHE F 68 40.88 32.16 -4.51
CA PHE F 68 40.91 30.77 -4.97
C PHE F 68 39.53 30.34 -5.46
N ILE F 69 39.51 29.54 -6.52
CA ILE F 69 38.30 29.17 -7.27
C ILE F 69 38.31 27.65 -7.52
N ILE F 70 37.22 26.98 -7.14
CA ILE F 70 37.11 25.50 -7.33
C ILE F 70 36.51 25.16 -8.70
N SER F 71 36.83 23.96 -9.22
CA SER F 71 36.29 23.50 -10.52
C SER F 71 36.49 22.00 -10.67
N ARG F 72 35.73 21.35 -11.56
CA ARG F 72 35.83 19.88 -11.74
C ARG F 72 36.22 19.53 -13.18
N ASP F 73 37.20 18.65 -13.38
CA ASP F 73 37.57 18.21 -14.75
C ASP F 73 36.60 17.12 -15.18
N ASN F 74 36.00 17.29 -16.35
CA ASN F 74 34.97 16.31 -16.75
C ASN F 74 35.55 14.91 -16.96
N VAL F 75 36.68 14.75 -17.65
CA VAL F 75 37.23 13.36 -17.77
C VAL F 75 37.75 12.81 -16.43
N LYS F 76 38.47 13.61 -15.66
CA LYS F 76 39.20 13.16 -14.43
C LYS F 76 38.41 12.70 -13.20
N ASN F 77 37.25 13.28 -12.85
CA ASN F 77 36.61 13.06 -11.51
C ASN F 77 37.58 13.61 -10.46
N THR F 78 38.24 14.72 -10.80
CA THR F 78 39.13 15.42 -9.86
C THR F 78 38.59 16.84 -9.72
N VAL F 79 38.82 17.47 -8.57
CA VAL F 79 38.37 18.89 -8.38
C VAL F 79 39.60 19.75 -8.09
N TYR F 80 39.72 20.90 -8.76
CA TYR F 80 40.90 21.72 -8.64
C TYR F 80 40.62 23.00 -7.86
N LEU F 81 41.44 23.28 -6.86
CA LEU F 81 41.41 24.59 -6.22
C LEU F 81 42.54 25.42 -6.82
N GLN F 82 42.15 26.35 -7.69
CA GLN F 82 43.10 27.21 -8.37
C GLN F 82 43.38 28.41 -7.49
N MET F 83 44.66 28.69 -7.23
CA MET F 83 45.06 29.64 -6.20
C MET F 83 45.66 30.89 -6.84
N ASN F 84 45.10 32.05 -6.53
CA ASN F 84 45.53 33.31 -7.10
C ASN F 84 45.85 34.32 -5.99
N SER F 85 46.64 35.34 -6.33
CA SER F 85 46.88 36.50 -5.48
C SER F 85 47.37 36.07 -4.09
N LEU F 86 48.48 35.34 -4.09
CA LEU F 86 48.95 34.68 -2.88
C LEU F 86 49.52 35.66 -1.87
N GLU F 87 49.22 35.43 -0.61
CA GLU F 87 49.71 36.18 0.54
C GLU F 87 50.30 35.20 1.54
N PRO F 88 51.02 35.69 2.56
CA PRO F 88 51.70 34.74 3.46
C PRO F 88 50.79 33.81 4.24
N GLU F 89 49.68 34.31 4.80
CA GLU F 89 48.83 33.52 5.69
C GLU F 89 48.03 32.43 4.98
N ASP F 90 48.10 32.35 3.64
CA ASP F 90 47.62 31.19 2.89
C ASP F 90 48.60 30.03 2.92
N THR F 91 49.57 30.06 3.83
CA THR F 91 50.51 28.96 3.98
C THR F 91 49.89 27.93 4.91
N ALA F 92 49.88 26.67 4.48
CA ALA F 92 49.30 25.58 5.26
C ALA F 92 49.40 24.30 4.45
N VAL F 93 49.10 23.18 5.10
CA VAL F 93 48.78 21.97 4.36
C VAL F 93 47.31 22.01 3.97
N TYR F 94 46.98 21.41 2.84
CA TYR F 94 45.65 21.55 2.26
C TYR F 94 45.04 20.16 2.07
N TYR F 95 43.89 19.93 2.68
CA TYR F 95 43.16 18.66 2.56
C TYR F 95 41.89 18.83 1.73
N CYS F 96 41.58 17.82 0.93
CA CYS F 96 40.26 17.73 0.33
C CYS F 96 39.48 16.59 0.98
N ALA F 97 38.15 16.70 0.94
CA ALA F 97 37.27 15.78 1.65
C ALA F 97 35.98 15.53 0.86
N ALA F 98 35.29 14.44 1.22
CA ALA F 98 34.09 13.97 0.55
C ALA F 98 32.96 13.70 1.56
N ILE F 99 31.75 14.19 1.27
CA ILE F 99 30.57 13.90 2.10
C ILE F 99 29.33 13.76 1.22
N TYR F 100 28.43 12.87 1.61
CA TYR F 100 27.11 12.77 0.99
C TYR F 100 26.13 13.64 1.78
N GLN F 101 25.64 14.69 1.12
CA GLN F 101 24.71 15.65 1.72
C GLN F 101 24.00 16.30 0.58
N PRO F 102 22.95 15.68 0.06
CA PRO F 102 22.33 16.24 -1.14
C PRO F 102 21.64 17.57 -0.88
N SER F 103 21.61 18.02 0.38
CA SER F 103 21.17 19.38 0.65
C SER F 103 21.87 20.37 -0.27
N ASN F 104 21.15 21.44 -0.62
CA ASN F 104 21.46 22.19 -1.82
C ASN F 104 22.92 22.56 -1.90
N GLY F 105 23.40 23.28 -0.96
CA GLY F 105 24.78 23.68 -1.02
C GLY F 105 25.71 22.61 -0.54
N CYS F 106 26.98 22.84 -0.80
CA CYS F 106 28.00 22.25 0.05
C CYS F 106 28.21 23.16 1.26
N VAL F 107 28.78 22.59 2.30
CA VAL F 107 28.98 23.30 3.55
C VAL F 107 30.46 23.59 3.72
N LEU F 108 30.76 24.67 4.45
CA LEU F 108 32.14 25.00 4.81
C LEU F 108 32.54 24.49 6.18
N ARG F 109 31.58 24.26 7.07
CA ARG F 109 31.86 23.70 8.39
C ARG F 109 32.54 22.35 8.25
N PRO F 110 33.47 22.05 9.13
CA PRO F 110 34.38 20.90 8.96
C PRO F 110 33.78 19.54 9.31
N GLU F 111 32.62 19.24 8.75
CA GLU F 111 32.00 17.93 8.97
C GLU F 111 31.82 17.25 7.62
N TYR F 112 32.91 16.68 7.10
CA TYR F 112 32.83 15.78 5.95
C TYR F 112 33.32 14.42 6.41
N SER F 113 32.99 13.40 5.62
CA SER F 113 33.11 12.03 6.13
C SER F 113 34.34 11.31 5.60
N TYR F 114 34.87 11.71 4.46
CA TYR F 114 36.03 11.10 3.86
C TYR F 114 37.10 12.15 3.69
N TRP F 115 38.27 11.93 4.30
CA TRP F 115 39.31 12.94 4.30
C TRP F 115 40.55 12.44 3.58
N GLY F 116 41.26 13.39 2.96
CA GLY F 116 42.49 13.09 2.27
C GLY F 116 43.71 13.21 3.16
N LYS F 117 44.88 13.06 2.52
CA LYS F 117 46.14 13.06 3.25
C LYS F 117 46.66 14.48 3.47
N GLY F 118 46.27 15.42 2.63
CA GLY F 118 46.82 16.75 2.68
C GLY F 118 48.04 16.87 1.76
N THR F 119 48.19 18.02 1.10
CA THR F 119 49.38 18.28 0.33
C THR F 119 50.00 19.60 0.78
N PRO F 120 51.26 19.60 1.16
CA PRO F 120 51.89 20.81 1.71
C PRO F 120 51.97 21.93 0.67
N VAL F 121 51.47 23.10 1.04
CA VAL F 121 51.68 24.34 0.30
C VAL F 121 52.29 25.36 1.24
N THR F 122 53.50 25.82 0.94
CA THR F 122 54.13 26.88 1.72
C THR F 122 54.45 28.07 0.83
N VAL F 123 54.52 29.25 1.45
CA VAL F 123 54.80 30.52 0.76
C VAL F 123 55.73 31.37 1.63
N SER F 124 56.59 32.17 0.98
CA SER F 124 57.60 32.98 1.70
C SER F 124 57.20 34.46 1.87
#